data_3VSI
#
_entry.id   3VSI
#
_cell.length_a   272.730
_cell.length_b   48.260
_cell.length_c   108.120
_cell.angle_alpha   90.00
_cell.angle_beta   109.61
_cell.angle_gamma   90.00
#
_symmetry.space_group_name_H-M   'C 1 2 1'
#
loop_
_entity.id
_entity.type
_entity.pdbx_description
1 polymer '2-amino-5-chlorophenol 1,6-dioxygenase alpha subunit'
2 polymer '2-amino-5-chlorophenol 1,6-dioxygenase beta subunit'
3 non-polymer 'FE (III) ION'
4 non-polymer 4-NITROCATECHOL
5 water water
#
loop_
_entity_poly.entity_id
_entity_poly.type
_entity_poly.pdbx_seq_one_letter_code
_entity_poly.pdbx_strand_id
1 'polypeptide(L)'
;MTVVSAFLVPGTPLPQLKPEVPSWGQLAAATERAGKALAASRPDVVLVYSTQWLAVLDQQWLTRPRSEGVHVDENWYEFG
DLAYDIRADTALAEACVTSSPLHGVHARGVNYDGFPIDTGTITACTLMGIGTDAFPLVVGSNNLYHSGEITEKLAALAVD
CAKDQNKRVAVVGVGGLSGSLFREEIDPREDRIANEEDDKWNRRVLKLIEAGDVSALREAMPVYAKEARVDMGFKHLHWI
LGALKGKFSGANVLGYGPSYGSGAAVIEFRL
;
A,C
2 'polypeptide(L)'
;MQGEIIAGFLAPHPPHLVYGENPPQNEPRSQGGWEVLRWAYERARERLDAMKPDVLLVHSPHWITSVGHHFLGVPELSGK
SVDPIFPNVFRYDFSLNVDVELAEACAEEGRKAGLVTKMMRNPKFRVDYGTITTLHLIRPQWDIPVVGISANNSPYYLNT
KEGMSEMDVLGKATREAIRKTGRKAVLLASNTLSHWHFHEEPTIPEDMSKEYPATMAGYQWDIRMIELMRQGKTSEVFKL
LPQFIDEAFAEVKSGAFTWMHAAMQYPELAAELFGYGTVIGTGNAVMEWDLRKAGLSMLGAADQKQRSAAVA
;
B,D
#
# COMPACT_ATOMS: atom_id res chain seq x y z
N THR A 2 -40.35 10.82 -28.95
CA THR A 2 -39.42 11.69 -28.15
C THR A 2 -38.25 12.22 -29.00
N VAL A 3 -37.45 11.31 -29.58
CA VAL A 3 -36.37 11.70 -30.50
C VAL A 3 -36.97 12.29 -31.78
N VAL A 4 -36.69 13.57 -32.03
CA VAL A 4 -37.27 14.32 -33.15
C VAL A 4 -36.23 14.70 -34.21
N SER A 5 -34.97 14.60 -33.82
CA SER A 5 -33.84 15.07 -34.61
C SER A 5 -32.58 14.31 -34.25
N ALA A 6 -31.71 14.11 -35.24
CA ALA A 6 -30.39 13.50 -34.99
C ALA A 6 -29.36 14.09 -35.94
N PHE A 7 -28.16 14.34 -35.42
CA PHE A 7 -27.11 15.03 -36.16
C PHE A 7 -25.73 14.51 -35.78
N LEU A 8 -24.86 14.45 -36.77
CA LEU A 8 -23.43 14.28 -36.51
C LEU A 8 -22.73 15.52 -36.99
N VAL A 9 -21.91 16.10 -36.13
CA VAL A 9 -21.15 17.33 -36.46
C VAL A 9 -19.69 17.18 -36.07
N PRO A 10 -18.80 17.95 -36.72
CA PRO A 10 -17.38 17.88 -36.39
C PRO A 10 -17.07 18.44 -35.01
N GLY A 11 -16.07 17.86 -34.35
CA GLY A 11 -15.54 18.40 -33.10
C GLY A 11 -14.37 19.34 -33.30
N THR A 12 -13.86 19.43 -34.52
CA THR A 12 -12.74 20.31 -34.79
C THR A 12 -13.18 21.77 -34.66
N PRO A 13 -12.31 22.62 -34.10
CA PRO A 13 -12.72 24.04 -33.94
C PRO A 13 -12.41 24.89 -35.17
N LEU A 14 -11.62 24.35 -36.08
CA LEU A 14 -11.14 25.07 -37.26
C LEU A 14 -12.26 25.73 -38.10
N PRO A 15 -13.37 25.00 -38.34
CA PRO A 15 -14.45 25.64 -39.09
C PRO A 15 -14.99 26.93 -38.47
N GLN A 16 -15.11 26.98 -37.14
CA GLN A 16 -15.64 28.21 -36.50
C GLN A 16 -14.56 29.28 -36.30
N LEU A 17 -13.34 28.81 -36.02
CA LEU A 17 -12.21 29.71 -35.78
C LEU A 17 -11.70 30.47 -37.00
N LYS A 18 -11.58 29.78 -38.14
CA LYS A 18 -11.03 30.43 -39.33
C LYS A 18 -11.86 30.13 -40.57
N PRO A 19 -13.14 30.56 -40.58
CA PRO A 19 -14.02 30.25 -41.69
C PRO A 19 -13.63 30.97 -42.99
N GLU A 20 -12.62 31.84 -42.93
CA GLU A 20 -12.11 32.50 -44.15
C GLU A 20 -11.38 31.53 -45.07
N VAL A 21 -10.98 30.38 -44.52
CA VAL A 21 -10.52 29.25 -45.33
C VAL A 21 -11.77 28.62 -45.93
N PRO A 22 -11.87 28.60 -47.27
CA PRO A 22 -13.15 28.21 -47.88
C PRO A 22 -13.75 26.90 -47.36
N SER A 23 -12.99 25.80 -47.39
CA SER A 23 -13.49 24.49 -46.99
C SER A 23 -13.97 24.52 -45.55
N TRP A 24 -13.19 25.17 -44.70
CA TRP A 24 -13.50 25.34 -43.30
C TRP A 24 -14.79 26.14 -43.16
N GLY A 25 -14.87 27.25 -43.87
CA GLY A 25 -16.10 28.06 -43.96
C GLY A 25 -17.32 27.27 -44.39
N GLN A 26 -17.10 26.28 -45.27
CA GLN A 26 -18.18 25.44 -45.79
C GLN A 26 -18.70 24.51 -44.72
N LEU A 27 -17.79 23.96 -43.93
CA LEU A 27 -18.16 23.06 -42.83
C LEU A 27 -18.90 23.80 -41.73
N ALA A 28 -18.45 25.03 -41.45
CA ALA A 28 -19.12 25.88 -40.46
C ALA A 28 -20.54 26.20 -40.91
N ALA A 29 -20.70 26.58 -42.18
CA ALA A 29 -22.03 26.89 -42.73
C ALA A 29 -22.95 25.68 -42.71
N ALA A 30 -22.38 24.50 -42.89
CA ALA A 30 -23.15 23.26 -42.83
C ALA A 30 -23.60 22.91 -41.40
N THR A 31 -22.71 23.12 -40.43
CA THR A 31 -23.04 22.94 -39.01
C THR A 31 -24.18 23.90 -38.58
N GLU A 32 -24.09 25.15 -39.02
CA GLU A 32 -25.12 26.16 -38.82
C GLU A 32 -26.47 25.71 -39.39
N ARG A 33 -26.43 25.14 -40.60
CA ARG A 33 -27.64 24.61 -41.23
C ARG A 33 -28.25 23.49 -40.38
N ALA A 34 -27.39 22.61 -39.86
CA ALA A 34 -27.83 21.53 -38.98
C ALA A 34 -28.46 22.08 -37.69
N GLY A 35 -27.87 23.14 -37.14
CA GLY A 35 -28.46 23.84 -36.00
C GLY A 35 -29.87 24.34 -36.25
N LYS A 36 -30.12 24.83 -37.47
CA LYS A 36 -31.43 25.33 -37.85
C LYS A 36 -32.43 24.20 -38.02
N ALA A 37 -31.96 23.09 -38.60
CA ALA A 37 -32.77 21.87 -38.72
C ALA A 37 -33.09 21.35 -37.32
N LEU A 38 -32.10 21.45 -36.43
CA LEU A 38 -32.26 21.11 -35.01
C LEU A 38 -33.42 21.90 -34.40
N ALA A 39 -33.37 23.22 -34.50
CA ALA A 39 -34.36 24.11 -33.86
C ALA A 39 -35.76 23.94 -34.44
N ALA A 40 -35.81 23.63 -35.73
CA ALA A 40 -37.05 23.38 -36.48
C ALA A 40 -37.80 22.14 -36.01
N SER A 41 -37.08 21.19 -35.43
CA SER A 41 -37.69 19.98 -34.87
C SER A 41 -38.19 20.23 -33.44
N ARG A 42 -38.10 21.47 -32.98
CA ARG A 42 -38.62 21.89 -31.66
C ARG A 42 -38.33 20.88 -30.53
N PRO A 43 -37.05 20.66 -30.20
CA PRO A 43 -36.74 19.76 -29.10
C PRO A 43 -36.81 20.48 -27.75
N ASP A 44 -36.81 19.71 -26.65
CA ASP A 44 -36.78 20.30 -25.31
C ASP A 44 -35.37 20.21 -24.77
N VAL A 45 -34.69 19.13 -25.14
CA VAL A 45 -33.34 18.89 -24.70
C VAL A 45 -32.50 18.36 -25.86
N VAL A 46 -31.20 18.63 -25.82
CA VAL A 46 -30.27 18.10 -26.81
C VAL A 46 -29.27 17.14 -26.15
N LEU A 47 -29.35 15.87 -26.54
CA LEU A 47 -28.48 14.83 -26.01
C LEU A 47 -27.15 14.83 -26.77
N VAL A 48 -26.06 15.16 -26.09
CA VAL A 48 -24.75 15.34 -26.72
C VAL A 48 -23.69 14.35 -26.25
N TYR A 49 -22.90 13.87 -27.21
CA TYR A 49 -21.71 13.08 -26.93
C TYR A 49 -20.56 13.66 -27.74
N SER A 50 -19.46 13.96 -27.08
CA SER A 50 -18.29 14.46 -27.77
C SER A 50 -17.08 13.54 -27.57
N THR A 51 -16.39 13.24 -28.66
CA THR A 51 -15.20 12.41 -28.63
C THR A 51 -14.08 12.99 -27.79
N GLN A 52 -14.12 14.30 -27.54
CA GLN A 52 -12.99 14.98 -26.91
C GLN A 52 -13.19 15.25 -25.42
N TRP A 53 -14.33 14.77 -24.91
CA TRP A 53 -14.68 14.85 -23.49
C TRP A 53 -14.26 13.50 -22.87
N LEU A 54 -13.01 13.40 -22.44
CA LEU A 54 -12.41 12.12 -22.02
C LEU A 54 -12.62 11.79 -20.55
N ALA A 55 -13.03 10.55 -20.29
CA ALA A 55 -13.23 10.03 -18.95
C ALA A 55 -12.55 8.67 -18.82
N VAL A 56 -12.02 8.38 -17.64
CA VAL A 56 -11.25 7.17 -17.42
C VAL A 56 -11.87 6.24 -16.38
N LEU A 57 -12.31 6.81 -15.26
CA LEU A 57 -12.94 6.00 -14.24
C LEU A 57 -14.32 5.61 -14.72
N ASP A 58 -15.30 6.39 -14.28
CA ASP A 58 -16.69 6.11 -14.59
C ASP A 58 -17.21 7.06 -15.64
N GLN A 59 -18.45 6.86 -16.05
CA GLN A 59 -19.14 7.77 -16.94
C GLN A 59 -19.42 9.09 -16.22
N GLN A 60 -19.11 10.20 -16.89
CA GLN A 60 -19.41 11.54 -16.34
C GLN A 60 -20.52 12.16 -17.17
N TRP A 61 -21.45 12.83 -16.49
CA TRP A 61 -22.53 13.56 -17.13
C TRP A 61 -22.48 15.00 -16.66
N LEU A 62 -22.68 15.96 -17.56
CA LEU A 62 -22.66 17.37 -17.18
C LEU A 62 -23.92 17.74 -16.38
N THR A 63 -23.73 18.10 -15.12
CA THR A 63 -24.85 18.41 -14.24
C THR A 63 -24.84 19.84 -13.71
N ARG A 64 -23.94 20.67 -14.23
CA ARG A 64 -23.89 22.06 -13.84
C ARG A 64 -24.89 22.85 -14.70
N PRO A 65 -25.82 23.59 -14.06
CA PRO A 65 -26.87 24.33 -14.79
C PRO A 65 -26.31 25.29 -15.84
N ARG A 66 -25.20 25.96 -15.50
CA ARG A 66 -24.57 26.92 -16.40
C ARG A 66 -23.05 26.90 -16.29
N SER A 67 -22.39 26.65 -17.41
CA SER A 67 -20.93 26.71 -17.47
C SER A 67 -20.55 27.79 -18.43
N GLU A 68 -19.72 28.73 -17.99
CA GLU A 68 -19.19 29.71 -18.93
C GLU A 68 -17.70 29.95 -18.76
N GLY A 69 -17.05 30.32 -19.87
CA GLY A 69 -15.64 30.55 -19.85
C GLY A 69 -15.10 30.82 -21.22
N VAL A 70 -13.79 30.94 -21.31
CA VAL A 70 -13.11 31.11 -22.57
C VAL A 70 -12.18 29.93 -22.71
N HIS A 71 -12.50 29.02 -23.63
CA HIS A 71 -11.69 27.85 -23.82
C HIS A 71 -10.70 28.02 -24.97
N VAL A 72 -9.47 27.58 -24.72
CA VAL A 72 -8.38 27.65 -25.68
C VAL A 72 -7.89 26.24 -25.98
N ASP A 73 -8.14 25.77 -27.20
CA ASP A 73 -7.75 24.42 -27.62
C ASP A 73 -6.24 24.22 -27.50
N GLU A 74 -5.83 23.07 -26.98
CA GLU A 74 -4.41 22.81 -26.73
C GLU A 74 -3.60 22.38 -27.98
N ASN A 75 -4.27 22.22 -29.11
CA ASN A 75 -3.61 21.94 -30.38
C ASN A 75 -3.73 23.14 -31.32
N TRP A 76 -4.91 23.78 -31.31
CA TRP A 76 -5.26 24.83 -32.26
C TRP A 76 -5.40 26.19 -31.60
N TYR A 77 -4.52 26.49 -30.65
CA TYR A 77 -4.58 27.74 -29.90
C TYR A 77 -4.22 28.97 -30.75
N GLU A 78 -3.57 28.76 -31.89
CA GLU A 78 -3.13 29.87 -32.75
C GLU A 78 -4.30 30.48 -33.54
N PHE A 79 -5.39 29.73 -33.66
CA PHE A 79 -6.53 30.17 -34.47
C PHE A 79 -7.60 30.94 -33.67
N GLY A 80 -7.37 31.11 -32.37
CA GLY A 80 -8.27 31.92 -31.56
C GLY A 80 -8.85 31.20 -30.36
N ASP A 81 -9.81 31.86 -29.71
CA ASP A 81 -10.38 31.39 -28.46
C ASP A 81 -11.81 30.99 -28.65
N LEU A 82 -12.28 30.09 -27.79
CA LEU A 82 -13.67 29.64 -27.88
C LEU A 82 -14.46 30.01 -26.62
N ALA A 83 -15.09 31.17 -26.66
CA ALA A 83 -15.98 31.61 -25.59
C ALA A 83 -17.24 30.75 -25.58
N TYR A 84 -17.80 30.54 -24.40
CA TYR A 84 -19.00 29.71 -24.28
C TYR A 84 -19.87 30.04 -23.07
N ASP A 85 -21.14 29.66 -23.17
CA ASP A 85 -22.11 29.84 -22.10
C ASP A 85 -23.14 28.72 -22.24
N ILE A 86 -22.86 27.58 -21.59
CA ILE A 86 -23.57 26.35 -21.85
C ILE A 86 -24.52 25.97 -20.73
N ARG A 87 -25.75 25.65 -21.09
CA ARG A 87 -26.78 25.30 -20.12
C ARG A 87 -27.06 23.82 -20.23
N ALA A 88 -27.14 23.18 -19.06
CA ALA A 88 -27.41 21.77 -18.96
C ALA A 88 -28.82 21.55 -18.43
N ASP A 89 -29.51 20.54 -18.97
CA ASP A 89 -30.79 20.11 -18.39
C ASP A 89 -30.47 19.22 -17.19
N THR A 90 -30.30 19.87 -16.05
CA THR A 90 -29.90 19.24 -14.80
C THR A 90 -30.88 18.14 -14.35
N ALA A 91 -32.17 18.39 -14.49
CA ALA A 91 -33.20 17.41 -14.14
C ALA A 91 -33.04 16.10 -14.95
N LEU A 92 -32.77 16.24 -16.24
CA LEU A 92 -32.55 15.08 -17.09
C LEU A 92 -31.15 14.50 -16.94
N ALA A 93 -30.14 15.36 -16.77
CA ALA A 93 -28.77 14.91 -16.58
C ALA A 93 -28.62 14.06 -15.32
N GLU A 94 -29.20 14.52 -14.21
CA GLU A 94 -29.16 13.78 -12.95
C GLU A 94 -29.89 12.42 -13.04
N ALA A 95 -30.97 12.39 -13.82
CA ALA A 95 -31.67 11.14 -14.10
C ALA A 95 -30.76 10.14 -14.83
N CYS A 96 -29.91 10.65 -15.72
CA CYS A 96 -28.95 9.82 -16.44
C CYS A 96 -27.86 9.28 -15.52
N VAL A 97 -27.48 10.09 -14.52
CA VAL A 97 -26.48 9.70 -13.54
C VAL A 97 -26.94 8.48 -12.75
N THR A 98 -28.14 8.55 -12.21
CA THR A 98 -28.68 7.47 -11.37
C THR A 98 -29.06 6.23 -12.19
N SER A 99 -29.50 6.46 -13.43
CA SER A 99 -29.95 5.38 -14.31
C SER A 99 -28.80 4.54 -14.91
N SER A 100 -27.60 5.10 -14.92
CA SER A 100 -26.46 4.47 -15.59
C SER A 100 -26.00 3.14 -14.99
N PRO A 101 -25.93 3.04 -13.64
CA PRO A 101 -25.57 1.74 -13.10
C PRO A 101 -26.69 0.70 -13.25
N LEU A 102 -27.94 1.16 -13.36
CA LEU A 102 -29.07 0.27 -13.62
C LEU A 102 -28.97 -0.41 -15.00
N HIS A 103 -27.96 0.00 -15.77
CA HIS A 103 -27.63 -0.62 -17.06
C HIS A 103 -26.17 -1.04 -17.06
N GLY A 104 -25.60 -1.17 -15.87
CA GLY A 104 -24.25 -1.69 -15.69
C GLY A 104 -23.14 -0.72 -16.04
N VAL A 105 -23.28 0.55 -15.65
CA VAL A 105 -22.26 1.56 -15.89
C VAL A 105 -22.18 2.56 -14.73
N HIS A 106 -21.12 2.47 -13.91
CA HIS A 106 -20.90 3.43 -12.83
C HIS A 106 -20.77 4.84 -13.40
N ALA A 107 -21.39 5.81 -12.75
CA ALA A 107 -21.44 7.19 -13.23
C ALA A 107 -21.48 8.23 -12.12
N ARG A 108 -20.95 9.41 -12.41
CA ARG A 108 -21.03 10.56 -11.52
C ARG A 108 -21.57 11.77 -12.27
N GLY A 109 -22.16 12.71 -11.53
CA GLY A 109 -22.52 14.01 -12.10
C GLY A 109 -21.28 14.88 -12.06
N VAL A 110 -21.24 15.90 -12.91
CA VAL A 110 -20.12 16.86 -12.86
C VAL A 110 -20.65 18.27 -12.81
N ASN A 111 -20.34 18.94 -11.70
CA ASN A 111 -20.83 20.27 -11.44
C ASN A 111 -19.77 21.01 -10.66
N TYR A 112 -18.78 21.53 -11.38
CA TYR A 112 -17.68 22.24 -10.76
C TYR A 112 -17.39 23.50 -11.53
N ASP A 113 -17.30 24.61 -10.80
CA ASP A 113 -16.98 25.89 -11.40
C ASP A 113 -15.63 25.77 -12.12
N GLY A 114 -15.60 26.18 -13.39
CA GLY A 114 -14.38 26.14 -14.19
C GLY A 114 -14.02 24.76 -14.70
N PHE A 115 -14.98 23.84 -14.64
CA PHE A 115 -14.81 22.54 -15.24
C PHE A 115 -14.71 22.72 -16.75
N PRO A 116 -13.64 22.20 -17.35
CA PRO A 116 -13.36 22.37 -18.78
C PRO A 116 -14.30 21.57 -19.69
N ILE A 117 -15.25 22.26 -20.32
CA ILE A 117 -16.00 21.67 -21.42
C ILE A 117 -15.01 21.46 -22.57
N ASP A 118 -15.14 20.35 -23.27
CA ASP A 118 -14.25 20.03 -24.38
C ASP A 118 -14.53 20.92 -25.60
N THR A 119 -13.53 21.05 -26.46
CA THR A 119 -13.65 21.84 -27.68
C THR A 119 -14.87 21.47 -28.54
N GLY A 120 -15.14 20.17 -28.65
CA GLY A 120 -16.23 19.69 -29.49
C GLY A 120 -17.60 20.18 -29.06
N THR A 121 -17.89 20.00 -27.78
CA THR A 121 -19.14 20.49 -27.23
C THR A 121 -19.26 21.99 -27.43
N ILE A 122 -18.17 22.70 -27.17
CA ILE A 122 -18.17 24.16 -27.32
C ILE A 122 -18.46 24.60 -28.74
N THR A 123 -17.69 24.07 -29.70
CA THR A 123 -17.82 24.48 -31.10
C THR A 123 -19.19 24.12 -31.67
N ALA A 124 -19.71 22.97 -31.28
CA ALA A 124 -21.04 22.55 -31.73
C ALA A 124 -22.11 23.51 -31.21
N CYS A 125 -22.04 23.83 -29.92
CA CYS A 125 -22.97 24.79 -29.30
C CYS A 125 -23.00 26.11 -30.05
N THR A 126 -21.81 26.67 -30.28
CA THR A 126 -21.67 27.96 -30.97
C THR A 126 -22.31 27.97 -32.37
N LEU A 127 -21.96 26.97 -33.18
CA LEU A 127 -22.41 26.93 -34.58
C LEU A 127 -23.85 26.49 -34.71
N MET A 128 -24.26 25.54 -33.86
CA MET A 128 -25.62 24.99 -33.91
C MET A 128 -26.65 25.81 -33.10
N GLY A 129 -26.16 26.71 -32.25
CA GLY A 129 -27.04 27.54 -31.42
C GLY A 129 -27.72 26.69 -30.37
N ILE A 130 -26.97 25.77 -29.79
CA ILE A 130 -27.46 24.94 -28.70
C ILE A 130 -26.73 25.17 -27.39
N GLY A 131 -27.20 24.49 -26.34
CA GLY A 131 -26.65 24.71 -25.01
C GLY A 131 -27.18 25.99 -24.39
N THR A 132 -28.17 26.59 -25.04
CA THR A 132 -28.89 27.76 -24.49
C THR A 132 -29.99 27.30 -23.53
N ASP A 133 -30.56 28.22 -22.76
CA ASP A 133 -31.63 27.90 -21.80
C ASP A 133 -32.87 27.27 -22.45
N ALA A 134 -33.08 27.57 -23.74
CA ALA A 134 -34.12 26.93 -24.57
C ALA A 134 -33.72 25.53 -25.03
N PHE A 135 -32.47 25.37 -25.51
CA PHE A 135 -31.95 24.05 -25.90
C PHE A 135 -30.84 23.59 -24.96
N PRO A 136 -31.20 23.22 -23.71
CA PRO A 136 -30.17 22.82 -22.76
C PRO A 136 -29.60 21.47 -23.15
N LEU A 137 -28.44 21.14 -22.59
CA LEU A 137 -27.72 19.94 -22.94
C LEU A 137 -27.78 18.86 -21.86
N VAL A 138 -27.79 17.61 -22.31
CA VAL A 138 -27.41 16.49 -21.49
C VAL A 138 -26.19 15.89 -22.16
N VAL A 139 -25.00 16.18 -21.61
CA VAL A 139 -23.74 15.73 -22.17
C VAL A 139 -23.20 14.54 -21.38
N GLY A 140 -22.99 13.43 -22.09
CA GLY A 140 -22.34 12.26 -21.53
C GLY A 140 -20.90 12.16 -22.01
N SER A 141 -19.98 11.89 -21.09
CA SER A 141 -18.56 11.78 -21.41
C SER A 141 -18.20 10.63 -22.37
N ASN A 142 -17.04 10.76 -23.01
CA ASN A 142 -16.39 9.66 -23.72
C ASN A 142 -15.39 8.96 -22.78
N ASN A 143 -15.83 7.85 -22.19
CA ASN A 143 -14.93 7.05 -21.35
C ASN A 143 -14.05 6.17 -22.24
N LEU A 144 -12.74 6.27 -22.08
CA LEU A 144 -11.78 5.54 -22.93
C LEU A 144 -11.98 4.03 -22.94
N TYR A 145 -12.54 3.49 -21.86
CA TYR A 145 -12.68 2.05 -21.71
C TYR A 145 -14.06 1.55 -22.14
N HIS A 146 -14.90 2.46 -22.62
CA HIS A 146 -16.23 2.11 -23.11
C HIS A 146 -16.17 1.76 -24.59
N SER A 147 -16.80 0.66 -24.95
CA SER A 147 -16.89 0.24 -26.34
C SER A 147 -18.08 0.93 -27.01
N GLY A 148 -18.27 0.67 -28.29
CA GLY A 148 -19.41 1.21 -29.03
C GLY A 148 -20.73 0.67 -28.53
N GLU A 149 -20.76 -0.64 -28.26
CA GLU A 149 -21.89 -1.30 -27.62
C GLU A 149 -22.30 -0.56 -26.34
N ILE A 150 -21.30 -0.28 -25.49
CA ILE A 150 -21.53 0.44 -24.24
C ILE A 150 -22.06 1.86 -24.49
N THR A 151 -21.49 2.54 -25.49
CA THR A 151 -21.90 3.89 -25.86
C THR A 151 -23.37 3.95 -26.32
N GLU A 152 -23.80 2.96 -27.10
CA GLU A 152 -25.19 2.89 -27.56
C GLU A 152 -26.15 2.70 -26.40
N LYS A 153 -25.82 1.76 -25.51
CA LYS A 153 -26.63 1.49 -24.32
C LYS A 153 -26.73 2.74 -23.43
N LEU A 154 -25.69 3.57 -23.46
CA LEU A 154 -25.63 4.82 -22.72
C LEU A 154 -26.55 5.88 -23.32
N ALA A 155 -26.69 5.87 -24.65
CA ALA A 155 -27.53 6.84 -25.36
C ALA A 155 -29.00 6.46 -25.31
N ALA A 156 -29.26 5.16 -25.41
CA ALA A 156 -30.62 4.61 -25.36
C ALA A 156 -31.23 4.84 -23.98
N LEU A 157 -30.39 4.72 -22.97
CA LEU A 157 -30.72 4.96 -21.57
C LEU A 157 -31.08 6.43 -21.28
N ALA A 158 -30.39 7.35 -21.96
CA ALA A 158 -30.69 8.78 -21.82
C ALA A 158 -31.99 9.10 -22.54
N VAL A 159 -32.20 8.50 -23.71
CA VAL A 159 -33.46 8.60 -24.44
C VAL A 159 -34.62 8.00 -23.64
N ASP A 160 -34.32 6.94 -22.89
CA ASP A 160 -35.26 6.35 -21.94
C ASP A 160 -35.69 7.37 -20.89
N CYS A 161 -34.71 7.96 -20.20
CA CYS A 161 -34.96 8.93 -19.14
C CYS A 161 -35.75 10.14 -19.61
N ALA A 162 -35.58 10.48 -20.89
CA ALA A 162 -36.27 11.62 -21.50
C ALA A 162 -37.76 11.35 -21.71
N LYS A 163 -38.08 10.11 -22.05
CA LYS A 163 -39.48 9.68 -22.21
C LYS A 163 -40.19 9.72 -20.87
N ASP A 164 -39.44 9.43 -19.80
CA ASP A 164 -39.94 9.46 -18.43
C ASP A 164 -40.26 10.88 -17.96
N GLN A 165 -39.78 11.87 -18.72
CA GLN A 165 -39.98 13.28 -18.37
C GLN A 165 -40.73 14.04 -19.45
N ASN A 166 -41.32 13.27 -20.37
CA ASN A 166 -42.09 13.81 -21.50
C ASN A 166 -41.35 14.94 -22.22
N LYS A 167 -40.10 14.65 -22.60
CA LYS A 167 -39.23 15.63 -23.26
C LYS A 167 -38.85 15.22 -24.69
N ARG A 168 -38.95 16.15 -25.62
CA ARG A 168 -38.53 15.94 -27.00
C ARG A 168 -37.01 16.05 -27.14
N VAL A 169 -36.36 14.95 -27.53
CA VAL A 169 -34.90 14.90 -27.63
C VAL A 169 -34.37 15.10 -29.05
N ALA A 170 -33.39 15.99 -29.16
CA ALA A 170 -32.55 16.10 -30.33
C ALA A 170 -31.22 15.48 -29.95
N VAL A 171 -30.64 14.71 -30.88
CA VAL A 171 -29.44 13.95 -30.61
C VAL A 171 -28.27 14.48 -31.43
N VAL A 172 -27.17 14.80 -30.76
CA VAL A 172 -25.97 15.27 -31.44
C VAL A 172 -24.75 14.46 -31.01
N GLY A 173 -24.15 13.78 -31.98
CA GLY A 173 -22.84 13.13 -31.82
C GLY A 173 -21.77 14.03 -32.41
N VAL A 174 -20.77 14.36 -31.62
CA VAL A 174 -19.75 15.34 -32.00
C VAL A 174 -18.41 14.64 -32.17
N GLY A 175 -17.80 14.83 -33.33
CA GLY A 175 -16.48 14.25 -33.63
C GLY A 175 -16.15 14.16 -35.12
N GLY A 176 -14.90 13.85 -35.42
CA GLY A 176 -14.45 13.75 -36.81
C GLY A 176 -14.70 12.40 -37.47
N LEU A 177 -14.28 12.29 -38.73
CA LEU A 177 -14.30 11.05 -39.47
C LEU A 177 -12.88 10.48 -39.46
N SER A 178 -12.28 10.30 -40.63
CA SER A 178 -10.91 9.80 -40.72
C SER A 178 -9.99 10.75 -39.97
N GLY A 179 -9.02 10.21 -39.24
CA GLY A 179 -8.19 11.03 -38.37
C GLY A 179 -6.69 10.99 -38.58
N SER A 180 -6.24 11.05 -39.82
CA SER A 180 -4.79 11.10 -40.10
C SER A 180 -4.35 12.55 -40.19
N LEU A 181 -4.40 13.25 -39.07
CA LEU A 181 -3.99 14.66 -39.02
C LEU A 181 -2.58 14.87 -39.57
N PHE A 182 -2.39 15.93 -40.35
CA PHE A 182 -1.04 16.27 -40.81
C PHE A 182 -0.11 16.39 -39.60
N ARG A 183 1.13 15.92 -39.77
CA ARG A 183 2.09 15.90 -38.67
C ARG A 183 3.16 16.97 -38.85
N GLU A 184 2.89 17.91 -39.75
CA GLU A 184 3.70 19.12 -39.92
C GLU A 184 2.79 20.30 -40.23
N GLU A 185 3.30 21.52 -40.06
CA GLU A 185 2.51 22.72 -40.31
C GLU A 185 2.25 22.90 -41.80
N ILE A 186 0.99 23.15 -42.14
CA ILE A 186 0.60 23.45 -43.52
C ILE A 186 0.01 24.85 -43.63
N ASP A 187 -0.17 25.30 -44.88
CA ASP A 187 -0.96 26.49 -45.19
C ASP A 187 -2.42 26.07 -45.11
N PRO A 188 -3.20 26.71 -44.22
CA PRO A 188 -4.61 26.31 -43.99
C PRO A 188 -5.44 26.30 -45.25
N ARG A 189 -5.10 27.18 -46.20
CA ARG A 189 -5.76 27.23 -47.49
C ARG A 189 -5.49 26.00 -48.36
N GLU A 190 -4.43 25.25 -48.02
CA GLU A 190 -4.05 24.06 -48.79
C GLU A 190 -4.55 22.75 -48.15
N ASP A 191 -5.34 22.89 -47.09
CA ASP A 191 -5.91 21.74 -46.38
C ASP A 191 -6.67 20.83 -47.33
N ARG A 192 -6.50 19.53 -47.13
CA ARG A 192 -7.15 18.50 -47.93
C ARG A 192 -7.12 17.24 -47.08
N ILE A 193 -8.00 16.28 -47.39
CA ILE A 193 -7.92 14.96 -46.76
C ILE A 193 -6.49 14.45 -46.94
N ALA A 194 -5.86 14.02 -45.83
CA ALA A 194 -4.45 13.62 -45.81
C ALA A 194 -4.08 12.63 -46.91
N ASN A 195 -4.89 11.59 -47.08
CA ASN A 195 -4.63 10.59 -48.09
C ASN A 195 -5.91 10.06 -48.71
N GLU A 196 -5.72 9.41 -49.85
CA GLU A 196 -6.78 8.90 -50.69
C GLU A 196 -7.57 7.76 -50.05
N GLU A 197 -6.88 6.92 -49.28
CA GLU A 197 -7.53 5.78 -48.63
C GLU A 197 -8.56 6.26 -47.62
N ASP A 198 -8.21 7.32 -46.90
CA ASP A 198 -9.11 7.98 -45.96
C ASP A 198 -10.31 8.60 -46.66
N ASP A 199 -10.04 9.32 -47.75
CA ASP A 199 -11.10 9.95 -48.53
C ASP A 199 -12.11 8.91 -49.03
N LYS A 200 -11.60 7.80 -49.57
CA LYS A 200 -12.44 6.71 -50.06
C LYS A 200 -13.31 6.15 -48.94
N TRP A 201 -12.68 5.84 -47.82
CA TRP A 201 -13.38 5.29 -46.67
C TRP A 201 -14.50 6.20 -46.19
N ASN A 202 -14.19 7.49 -46.05
CA ASN A 202 -15.19 8.49 -45.67
C ASN A 202 -16.39 8.48 -46.61
N ARG A 203 -16.11 8.63 -47.90
CA ARG A 203 -17.16 8.68 -48.92
C ARG A 203 -18.01 7.40 -48.94
N ARG A 204 -17.35 6.25 -48.78
CA ARG A 204 -18.02 4.98 -48.73
C ARG A 204 -19.03 4.89 -47.57
N VAL A 205 -18.59 5.16 -46.34
CA VAL A 205 -19.48 5.01 -45.19
C VAL A 205 -20.50 6.15 -45.11
N LEU A 206 -20.12 7.32 -45.58
CA LEU A 206 -21.00 8.46 -45.68
C LEU A 206 -22.14 8.11 -46.66
N LYS A 207 -21.82 7.34 -47.69
CA LYS A 207 -22.84 6.91 -48.64
C LYS A 207 -23.80 5.88 -48.03
N LEU A 208 -23.25 4.99 -47.20
CA LEU A 208 -24.03 4.01 -46.47
C LEU A 208 -25.00 4.69 -45.50
N ILE A 209 -24.53 5.80 -44.93
CA ILE A 209 -25.34 6.60 -44.01
C ILE A 209 -26.46 7.30 -44.78
N GLU A 210 -26.13 8.00 -45.87
CA GLU A 210 -27.13 8.64 -46.75
C GLU A 210 -28.23 7.68 -47.17
N ALA A 211 -27.83 6.49 -47.62
CA ALA A 211 -28.77 5.48 -48.11
C ALA A 211 -29.64 4.95 -46.99
N GLY A 212 -29.04 4.74 -45.82
CA GLY A 212 -29.75 4.28 -44.64
C GLY A 212 -29.53 2.82 -44.37
N ASP A 213 -28.53 2.24 -45.04
CA ASP A 213 -28.24 0.82 -44.89
C ASP A 213 -27.52 0.56 -43.56
N VAL A 214 -28.32 0.44 -42.50
CA VAL A 214 -27.81 0.27 -41.13
C VAL A 214 -26.99 -1.00 -40.99
N SER A 215 -27.47 -2.08 -41.61
CA SER A 215 -26.79 -3.36 -41.63
C SER A 215 -25.36 -3.24 -42.22
N ALA A 216 -25.27 -2.69 -43.43
CA ALA A 216 -23.98 -2.48 -44.10
C ALA A 216 -23.07 -1.54 -43.33
N LEU A 217 -23.67 -0.50 -42.75
CA LEU A 217 -22.93 0.47 -41.94
C LEU A 217 -22.38 -0.18 -40.67
N ARG A 218 -23.17 -1.06 -40.07
CA ARG A 218 -22.74 -1.78 -38.86
C ARG A 218 -21.55 -2.70 -39.11
N GLU A 219 -21.49 -3.34 -40.29
CA GLU A 219 -20.41 -4.25 -40.61
C GLU A 219 -19.11 -3.53 -40.99
N ALA A 220 -19.26 -2.34 -41.59
CA ALA A 220 -18.12 -1.57 -42.07
C ALA A 220 -17.44 -0.74 -40.98
N MET A 221 -18.17 -0.44 -39.92
CA MET A 221 -17.69 0.48 -38.88
C MET A 221 -16.35 0.12 -38.23
N PRO A 222 -16.16 -1.15 -37.79
CA PRO A 222 -14.88 -1.44 -37.13
C PRO A 222 -13.70 -1.51 -38.12
N VAL A 223 -13.98 -1.90 -39.36
CA VAL A 223 -12.94 -1.87 -40.40
C VAL A 223 -12.56 -0.42 -40.70
N TYR A 224 -13.58 0.40 -40.97
CA TYR A 224 -13.42 1.83 -41.20
C TYR A 224 -12.67 2.52 -40.08
N ALA A 225 -13.11 2.29 -38.83
CA ALA A 225 -12.45 2.87 -37.65
C ALA A 225 -10.96 2.57 -37.62
N LYS A 226 -10.61 1.29 -37.78
CA LYS A 226 -9.22 0.88 -37.75
C LYS A 226 -8.44 1.42 -38.94
N GLU A 227 -8.98 1.28 -40.13
CA GLU A 227 -8.21 1.55 -41.34
C GLU A 227 -8.04 3.03 -41.62
N ALA A 228 -9.08 3.81 -41.33
CA ALA A 228 -9.02 5.25 -41.53
C ALA A 228 -8.79 6.04 -40.24
N ARG A 229 -8.24 5.38 -39.21
CA ARG A 229 -7.98 6.02 -37.90
C ARG A 229 -9.10 6.98 -37.48
N VAL A 230 -10.34 6.50 -37.52
CA VAL A 230 -11.49 7.35 -37.28
C VAL A 230 -11.56 7.78 -35.81
N ASP A 231 -11.78 9.07 -35.63
CA ASP A 231 -11.92 9.71 -34.33
C ASP A 231 -12.59 8.82 -33.29
N MET A 232 -11.76 8.29 -32.41
CA MET A 232 -12.20 7.59 -31.20
C MET A 232 -13.13 6.43 -31.52
N GLY A 233 -12.76 5.65 -32.54
CA GLY A 233 -13.51 4.43 -32.90
C GLY A 233 -14.89 4.69 -33.49
N PHE A 234 -15.21 5.94 -33.77
CA PHE A 234 -16.52 6.30 -34.32
C PHE A 234 -17.64 6.12 -33.28
N LYS A 235 -17.30 6.16 -32.00
CA LYS A 235 -18.30 5.99 -30.94
C LYS A 235 -19.38 7.08 -30.96
N HIS A 236 -19.04 8.26 -31.49
CA HIS A 236 -20.03 9.32 -31.66
C HIS A 236 -21.15 8.97 -32.63
N LEU A 237 -20.89 8.06 -33.58
CA LEU A 237 -21.98 7.53 -34.42
C LEU A 237 -22.74 6.46 -33.67
N HIS A 238 -22.02 5.68 -32.85
CA HIS A 238 -22.65 4.68 -32.01
C HIS A 238 -23.67 5.34 -31.09
N TRP A 239 -23.29 6.52 -30.60
CA TRP A 239 -24.15 7.36 -29.77
C TRP A 239 -25.45 7.67 -30.49
N ILE A 240 -25.35 8.08 -31.75
CA ILE A 240 -26.54 8.42 -32.54
C ILE A 240 -27.38 7.15 -32.77
N LEU A 241 -26.71 6.06 -33.13
CA LEU A 241 -27.39 4.79 -33.39
C LEU A 241 -28.20 4.32 -32.20
N GLY A 242 -27.57 4.32 -31.02
CA GLY A 242 -28.20 3.92 -29.77
C GLY A 242 -29.41 4.78 -29.41
N ALA A 243 -29.30 6.08 -29.66
CA ALA A 243 -30.43 6.98 -29.47
C ALA A 243 -31.57 6.71 -30.45
N LEU A 244 -31.23 6.23 -31.64
CA LEU A 244 -32.24 5.94 -32.65
C LEU A 244 -32.67 4.46 -32.62
N LYS A 245 -32.21 3.74 -31.60
CA LYS A 245 -32.47 2.29 -31.44
C LYS A 245 -32.15 1.49 -32.71
N GLY A 246 -30.98 1.76 -33.28
CA GLY A 246 -30.46 1.05 -34.45
C GLY A 246 -31.27 1.22 -35.73
N LYS A 247 -32.10 2.26 -35.79
CA LYS A 247 -33.01 2.43 -36.92
C LYS A 247 -33.05 3.87 -37.42
N PHE A 248 -32.86 4.03 -38.73
CA PHE A 248 -33.08 5.30 -39.42
C PHE A 248 -33.27 5.11 -40.92
N SER A 249 -33.95 6.07 -41.53
CA SER A 249 -34.47 5.95 -42.89
C SER A 249 -33.51 6.43 -43.98
N GLY A 250 -32.80 7.53 -43.69
CA GLY A 250 -31.82 8.08 -44.60
C GLY A 250 -30.96 9.11 -43.88
N ALA A 251 -30.27 9.93 -44.66
CA ALA A 251 -29.39 10.95 -44.11
C ALA A 251 -28.97 11.93 -45.19
N ASN A 252 -28.93 13.21 -44.81
CA ASN A 252 -28.40 14.21 -45.70
C ASN A 252 -27.06 14.73 -45.18
N VAL A 253 -26.03 14.56 -46.00
CA VAL A 253 -24.69 15.02 -45.67
C VAL A 253 -24.58 16.47 -46.11
N LEU A 254 -24.62 17.37 -45.13
CA LEU A 254 -24.70 18.81 -45.43
C LEU A 254 -23.34 19.39 -45.80
N GLY A 255 -22.29 18.68 -45.39
CA GLY A 255 -20.91 19.07 -45.67
C GLY A 255 -19.93 17.96 -45.34
N TYR A 256 -18.89 17.87 -46.17
CA TYR A 256 -17.78 16.94 -45.99
C TYR A 256 -16.55 17.67 -46.47
N GLY A 257 -15.51 17.72 -45.65
CA GLY A 257 -14.30 18.48 -45.99
C GLY A 257 -13.15 18.09 -45.09
N PRO A 258 -11.98 18.72 -45.28
CA PRO A 258 -10.81 18.41 -44.44
C PRO A 258 -10.74 19.26 -43.20
N SER A 259 -9.96 18.79 -42.23
CA SER A 259 -9.59 19.54 -41.03
C SER A 259 -8.17 19.15 -40.61
N TYR A 260 -7.20 19.88 -41.17
CA TYR A 260 -5.78 19.59 -41.01
C TYR A 260 -5.44 18.12 -41.35
N GLY A 261 -6.02 17.63 -42.43
CA GLY A 261 -5.76 16.26 -42.90
C GLY A 261 -6.80 15.27 -42.45
N SER A 262 -7.44 15.54 -41.31
CA SER A 262 -8.49 14.68 -40.82
C SER A 262 -9.75 14.99 -41.61
N GLY A 263 -10.70 14.05 -41.60
CA GLY A 263 -11.94 14.23 -42.32
C GLY A 263 -13.02 14.65 -41.36
N ALA A 264 -14.02 15.36 -41.87
CA ALA A 264 -15.12 15.89 -41.05
C ALA A 264 -16.39 16.14 -41.88
N ALA A 265 -17.52 15.78 -41.31
CA ALA A 265 -18.79 15.89 -42.00
C ALA A 265 -19.86 16.42 -41.06
N VAL A 266 -20.87 17.05 -41.64
CA VAL A 266 -22.08 17.40 -40.94
C VAL A 266 -23.19 16.53 -41.51
N ILE A 267 -23.86 15.77 -40.63
CA ILE A 267 -24.90 14.84 -41.07
C ILE A 267 -26.25 15.05 -40.36
N GLU A 268 -27.29 15.25 -41.17
CA GLU A 268 -28.68 15.30 -40.70
C GLU A 268 -29.35 13.95 -40.98
N PHE A 269 -29.86 13.32 -39.93
CA PHE A 269 -30.47 12.00 -40.04
C PHE A 269 -32.00 12.07 -40.20
N ARG A 270 -32.49 11.46 -41.27
CA ARG A 270 -33.94 11.31 -41.45
C ARG A 270 -34.40 10.08 -40.67
N LEU A 271 -35.17 10.31 -39.61
CA LEU A 271 -35.64 9.23 -38.73
C LEU A 271 -36.38 8.12 -39.47
N MET B 1 30.40 31.91 -19.26
CA MET B 1 29.27 31.18 -18.63
C MET B 1 29.09 29.82 -19.30
N GLN B 2 28.75 28.81 -18.51
CA GLN B 2 28.59 27.46 -19.02
C GLN B 2 27.20 26.90 -18.73
N GLY B 3 26.62 26.23 -19.73
CA GLY B 3 25.33 25.59 -19.58
C GLY B 3 25.38 24.39 -18.66
N GLU B 4 24.32 24.19 -17.90
CA GLU B 4 24.29 23.11 -16.92
C GLU B 4 22.91 22.47 -16.71
N ILE B 5 22.88 21.14 -16.83
CA ILE B 5 21.78 20.34 -16.34
C ILE B 5 22.16 19.82 -14.96
N ILE B 6 21.73 20.53 -13.93
CA ILE B 6 22.05 20.22 -12.55
C ILE B 6 21.65 18.78 -12.21
N ALA B 7 20.41 18.43 -12.47
CA ALA B 7 19.86 17.11 -12.15
C ALA B 7 18.59 16.79 -12.93
N GLY B 8 18.27 15.50 -13.00
CA GLY B 8 17.03 15.03 -13.60
C GLY B 8 16.17 14.30 -12.60
N PHE B 9 14.93 14.75 -12.43
CA PHE B 9 13.96 14.12 -11.53
C PHE B 9 12.87 13.33 -12.27
N LEU B 10 12.53 12.15 -11.75
CA LEU B 10 11.29 11.48 -12.11
C LEU B 10 10.26 11.97 -11.12
N ALA B 11 9.26 12.70 -11.62
CA ALA B 11 8.34 13.40 -10.76
C ALA B 11 6.88 13.19 -11.19
N PRO B 12 6.28 12.07 -10.72
CA PRO B 12 4.90 11.68 -11.02
C PRO B 12 3.88 12.76 -10.67
N HIS B 13 2.75 12.75 -11.36
CA HIS B 13 1.74 13.81 -11.27
C HIS B 13 0.32 13.38 -10.88
N PRO B 14 0.15 12.28 -10.12
CA PRO B 14 -1.26 12.03 -9.77
C PRO B 14 -1.80 13.13 -8.84
N PRO B 15 -2.88 13.82 -9.27
CA PRO B 15 -3.37 15.02 -8.58
C PRO B 15 -3.72 14.78 -7.11
N HIS B 16 -3.91 13.52 -6.76
CA HIS B 16 -4.22 13.14 -5.38
C HIS B 16 -3.10 13.56 -4.42
N LEU B 17 -1.90 13.67 -4.95
CA LEU B 17 -0.74 14.10 -4.18
C LEU B 17 -0.83 15.55 -3.70
N VAL B 18 -1.34 16.45 -4.53
CA VAL B 18 -1.51 17.85 -4.10
C VAL B 18 -2.77 17.96 -3.24
N TYR B 19 -3.78 17.15 -3.58
CA TYR B 19 -5.02 17.10 -2.81
C TYR B 19 -4.76 16.86 -1.33
N GLY B 20 -3.88 15.91 -1.06
CA GLY B 20 -3.55 15.51 0.31
C GLY B 20 -2.71 16.50 1.09
N GLU B 21 -2.09 17.45 0.38
CA GLU B 21 -1.24 18.44 1.04
C GLU B 21 -1.99 19.71 1.47
N ASN B 22 -3.21 19.87 0.96
CA ASN B 22 -4.02 21.06 1.23
C ASN B 22 -3.32 22.41 1.11
N PRO B 23 -2.73 22.70 -0.07
CA PRO B 23 -2.17 24.02 -0.33
C PRO B 23 -3.26 25.06 -0.61
N PRO B 24 -2.96 26.37 -0.41
CA PRO B 24 -3.90 27.45 -0.64
C PRO B 24 -4.52 27.44 -2.03
N GLN B 25 -3.71 27.08 -3.02
CA GLN B 25 -4.09 27.13 -4.43
C GLN B 25 -5.15 26.09 -4.80
N ASN B 26 -5.10 24.93 -4.17
CA ASN B 26 -6.12 23.92 -4.40
C ASN B 26 -7.39 24.25 -3.62
N GLU B 27 -8.54 24.04 -4.25
CA GLU B 27 -9.83 24.38 -3.65
C GLU B 27 -10.37 23.30 -2.71
N PRO B 28 -10.44 22.03 -3.15
CA PRO B 28 -11.04 21.02 -2.27
C PRO B 28 -10.18 20.67 -1.04
N ARG B 29 -10.85 20.36 0.07
CA ARG B 29 -10.17 20.03 1.33
C ARG B 29 -10.06 18.52 1.57
N SER B 30 -8.86 18.06 1.89
CA SER B 30 -8.63 16.65 2.19
C SER B 30 -8.36 16.41 3.66
N GLN B 31 -8.37 15.14 4.05
CA GLN B 31 -8.08 14.73 5.41
C GLN B 31 -6.73 14.00 5.42
N GLY B 32 -5.76 14.59 4.72
CA GLY B 32 -4.45 13.96 4.53
C GLY B 32 -4.46 13.02 3.34
N GLY B 33 -3.48 12.12 3.28
CA GLY B 33 -3.43 11.08 2.24
C GLY B 33 -2.10 10.87 1.56
N TRP B 34 -1.87 9.66 1.06
CA TRP B 34 -0.67 9.29 0.30
C TRP B 34 0.61 9.90 0.86
N GLU B 35 0.79 9.83 2.18
CA GLU B 35 1.94 10.52 2.78
C GLU B 35 3.30 9.90 2.50
N VAL B 36 3.34 8.61 2.14
CA VAL B 36 4.61 8.01 1.70
C VAL B 36 5.13 8.67 0.42
N LEU B 37 4.24 8.86 -0.56
CA LEU B 37 4.62 9.56 -1.78
C LEU B 37 4.85 11.05 -1.55
N ARG B 38 4.14 11.59 -0.57
CA ARG B 38 4.26 13.00 -0.25
C ARG B 38 5.53 13.33 0.55
N TRP B 39 5.98 12.40 1.40
CA TRP B 39 7.27 12.52 2.09
C TRP B 39 8.40 12.33 1.10
N ALA B 40 8.22 11.39 0.16
CA ALA B 40 9.18 11.15 -0.90
C ALA B 40 9.45 12.44 -1.66
N TYR B 41 8.39 13.23 -1.85
CA TYR B 41 8.49 14.52 -2.50
C TYR B 41 9.09 15.61 -1.59
N GLU B 42 9.02 15.41 -0.28
CA GLU B 42 9.64 16.34 0.68
C GLU B 42 11.15 16.39 0.49
N ARG B 43 11.76 15.23 0.29
CA ARG B 43 13.20 15.10 0.09
C ARG B 43 13.61 15.73 -1.23
N ALA B 44 12.87 15.38 -2.28
CA ALA B 44 13.07 15.96 -3.60
C ALA B 44 13.02 17.48 -3.50
N ARG B 45 12.04 17.99 -2.76
CA ARG B 45 11.89 19.44 -2.54
C ARG B 45 13.14 20.07 -1.92
N GLU B 46 13.71 19.42 -0.91
CA GLU B 46 14.90 19.95 -0.24
C GLU B 46 16.17 19.80 -1.10
N ARG B 47 16.26 18.72 -1.88
CA ARG B 47 17.39 18.54 -2.80
C ARG B 47 17.45 19.61 -3.88
N LEU B 48 16.28 20.05 -4.35
CA LEU B 48 16.16 21.06 -5.38
C LEU B 48 16.34 22.48 -4.81
N ASP B 49 15.91 22.69 -3.57
CA ASP B 49 16.10 23.97 -2.88
C ASP B 49 17.58 24.33 -2.81
N ALA B 50 18.41 23.30 -2.69
CA ALA B 50 19.86 23.45 -2.64
C ALA B 50 20.52 23.40 -4.02
N MET B 51 19.76 23.67 -5.07
CA MET B 51 20.29 23.75 -6.43
C MET B 51 20.14 25.16 -7.01
N LYS B 52 19.15 25.90 -6.51
CA LYS B 52 18.79 27.25 -6.99
C LYS B 52 18.83 27.36 -8.51
N PRO B 53 18.12 26.46 -9.22
CA PRO B 53 18.22 26.41 -10.67
C PRO B 53 17.63 27.64 -11.33
N ASP B 54 18.16 27.97 -12.52
CA ASP B 54 17.64 29.07 -13.32
C ASP B 54 16.22 28.74 -13.80
N VAL B 55 15.97 27.45 -14.03
CA VAL B 55 14.78 27.01 -14.75
C VAL B 55 14.45 25.53 -14.52
N LEU B 56 13.15 25.24 -14.45
CA LEU B 56 12.65 23.87 -14.42
C LEU B 56 11.98 23.54 -15.76
N LEU B 57 12.35 22.42 -16.37
CA LEU B 57 11.75 22.02 -17.63
C LEU B 57 10.92 20.76 -17.41
N VAL B 58 9.66 20.80 -17.83
CA VAL B 58 8.77 19.66 -17.61
C VAL B 58 8.12 19.19 -18.90
N HIS B 59 8.16 17.88 -19.10
CA HIS B 59 7.51 17.24 -20.23
C HIS B 59 6.30 16.47 -19.69
N SER B 60 5.10 16.99 -19.98
CA SER B 60 3.84 16.43 -19.44
C SER B 60 3.01 15.62 -20.44
N PRO B 61 2.64 14.38 -20.05
CA PRO B 61 1.72 13.52 -20.80
C PRO B 61 0.33 14.09 -20.98
N HIS B 62 -0.02 15.13 -20.23
CA HIS B 62 -1.39 15.63 -20.24
C HIS B 62 -1.59 16.92 -21.02
N TRP B 63 -0.59 17.23 -21.84
CA TRP B 63 -0.69 18.21 -22.92
C TRP B 63 -0.32 17.50 -24.23
N ILE B 64 -1.33 16.88 -24.84
CA ILE B 64 -1.14 16.03 -26.00
C ILE B 64 -1.22 16.85 -27.29
N THR B 65 -0.23 16.70 -28.17
CA THR B 65 -0.24 17.41 -29.45
C THR B 65 0.07 16.47 -30.62
N SER B 66 -0.56 16.73 -31.76
CA SER B 66 -0.35 15.98 -32.99
C SER B 66 0.73 16.60 -33.87
N VAL B 67 0.65 17.92 -34.05
CA VAL B 67 1.57 18.62 -34.95
C VAL B 67 2.86 18.99 -34.20
N GLY B 68 3.75 18.02 -34.10
CA GLY B 68 5.06 18.22 -33.45
C GLY B 68 5.02 18.48 -31.95
N HIS B 69 6.07 19.13 -31.47
CA HIS B 69 6.27 19.33 -30.04
C HIS B 69 6.17 20.82 -29.68
N HIS B 70 5.29 21.13 -28.74
CA HIS B 70 4.98 22.51 -28.40
C HIS B 70 5.68 22.97 -27.13
N PHE B 71 5.88 24.28 -27.05
CA PHE B 71 6.58 24.90 -25.95
C PHE B 71 5.80 26.11 -25.48
N LEU B 72 5.56 26.18 -24.17
CA LEU B 72 5.01 27.38 -23.53
C LEU B 72 5.80 28.63 -23.96
N GLY B 73 5.11 29.64 -24.49
CA GLY B 73 5.79 30.83 -25.03
C GLY B 73 5.28 32.21 -24.65
N VAL B 74 4.54 32.28 -23.53
CA VAL B 74 4.07 33.54 -22.96
C VAL B 74 4.76 33.74 -21.61
N PRO B 75 5.27 34.95 -21.32
CA PRO B 75 6.02 35.18 -20.07
C PRO B 75 5.27 34.80 -18.79
N GLU B 76 3.99 35.18 -18.71
CA GLU B 76 3.15 34.87 -17.55
C GLU B 76 1.90 34.12 -17.97
N LEU B 77 1.63 33.00 -17.31
CA LEU B 77 0.40 32.24 -17.52
C LEU B 77 -0.26 31.98 -16.19
N SER B 78 -1.57 32.22 -16.13
CA SER B 78 -2.34 32.01 -14.91
C SER B 78 -3.69 31.39 -15.21
N GLY B 79 -4.30 30.75 -14.22
CA GLY B 79 -5.66 30.24 -14.36
C GLY B 79 -6.09 29.30 -13.26
N LYS B 80 -7.25 28.69 -13.47
CA LYS B 80 -7.78 27.68 -12.58
C LYS B 80 -7.77 26.34 -13.34
N SER B 81 -6.75 25.51 -13.05
CA SER B 81 -6.66 24.19 -13.63
C SER B 81 -7.56 23.19 -12.88
N VAL B 82 -8.65 22.80 -13.52
CA VAL B 82 -9.54 21.78 -12.99
C VAL B 82 -9.32 20.48 -13.77
N ASP B 83 -9.09 19.40 -13.03
CA ASP B 83 -8.86 18.09 -13.63
C ASP B 83 -10.16 17.42 -14.11
N PRO B 84 -10.24 17.08 -15.41
CA PRO B 84 -11.40 16.46 -16.04
C PRO B 84 -11.84 15.11 -15.43
N ILE B 85 -10.89 14.36 -14.85
CA ILE B 85 -11.18 13.05 -14.28
C ILE B 85 -11.51 13.10 -12.79
N PHE B 86 -10.69 13.84 -12.03
CA PHE B 86 -10.91 13.99 -10.59
C PHE B 86 -11.09 15.45 -10.20
N PRO B 87 -12.17 16.09 -10.69
CA PRO B 87 -12.36 17.48 -10.31
C PRO B 87 -12.72 17.58 -8.82
N ASN B 88 -13.02 16.45 -8.21
CA ASN B 88 -13.35 16.40 -6.79
C ASN B 88 -12.11 16.56 -5.92
N VAL B 89 -10.94 16.27 -6.47
CA VAL B 89 -9.68 16.43 -5.74
C VAL B 89 -8.75 17.52 -6.28
N PHE B 90 -8.97 17.99 -7.51
CA PHE B 90 -8.04 18.94 -8.13
C PHE B 90 -8.73 20.11 -8.86
N ARG B 91 -8.61 21.29 -8.26
CA ARG B 91 -9.13 22.54 -8.82
C ARG B 91 -8.19 23.64 -8.34
N TYR B 92 -7.13 23.86 -9.11
CA TYR B 92 -5.94 24.58 -8.64
C TYR B 92 -5.81 25.97 -9.22
N ASP B 93 -5.65 26.96 -8.36
CA ASP B 93 -5.42 28.32 -8.82
C ASP B 93 -3.94 28.57 -9.03
N PHE B 94 -3.51 28.52 -10.28
CA PHE B 94 -2.09 28.64 -10.61
C PHE B 94 -1.75 29.98 -11.24
N SER B 95 -0.47 30.33 -11.13
CA SER B 95 0.11 31.53 -11.73
C SER B 95 1.61 31.28 -11.78
N LEU B 96 2.14 31.09 -12.98
CA LEU B 96 3.56 30.78 -13.14
C LEU B 96 4.28 31.65 -14.15
N ASN B 97 5.60 31.53 -14.20
CA ASN B 97 6.44 32.29 -15.12
C ASN B 97 7.21 31.38 -16.05
N VAL B 98 7.19 31.74 -17.33
CA VAL B 98 7.84 30.93 -18.36
C VAL B 98 9.16 31.56 -18.81
N ASP B 99 10.22 30.75 -18.80
CA ASP B 99 11.50 31.10 -19.42
C ASP B 99 11.37 31.03 -20.93
N VAL B 100 10.74 32.06 -21.50
CA VAL B 100 10.43 32.16 -22.92
C VAL B 100 11.69 32.02 -23.78
N GLU B 101 12.78 32.63 -23.33
CA GLU B 101 14.04 32.64 -24.07
C GLU B 101 14.54 31.21 -24.29
N LEU B 102 14.59 30.41 -23.23
CA LEU B 102 15.04 29.01 -23.37
C LEU B 102 14.03 28.15 -24.13
N ALA B 103 12.74 28.41 -23.91
CA ALA B 103 11.68 27.70 -24.63
C ALA B 103 11.84 27.86 -26.14
N GLU B 104 12.12 29.10 -26.56
CA GLU B 104 12.34 29.41 -27.97
C GLU B 104 13.61 28.75 -28.50
N ALA B 105 14.61 28.62 -27.63
CA ALA B 105 15.86 27.98 -27.99
C ALA B 105 15.68 26.47 -28.18
N CYS B 106 14.78 25.88 -27.38
CA CYS B 106 14.46 24.46 -27.50
C CYS B 106 13.75 24.19 -28.83
N ALA B 107 12.76 25.02 -29.15
CA ALA B 107 12.06 24.93 -30.43
C ALA B 107 13.04 25.03 -31.60
N GLU B 108 13.83 26.10 -31.58
CA GLU B 108 14.88 26.37 -32.55
C GLU B 108 15.75 25.14 -32.80
N GLU B 109 16.32 24.61 -31.72
CA GLU B 109 17.21 23.45 -31.79
C GLU B 109 16.53 22.15 -32.21
N GLY B 110 15.26 22.01 -31.82
CA GLY B 110 14.47 20.83 -32.18
C GLY B 110 14.10 20.83 -33.64
N ARG B 111 13.81 22.02 -34.17
CA ARG B 111 13.51 22.20 -35.57
C ARG B 111 14.73 21.85 -36.43
N LYS B 112 15.90 22.33 -36.01
CA LYS B 112 17.15 22.09 -36.73
C LYS B 112 17.54 20.61 -36.72
N ALA B 113 17.12 19.90 -35.67
CA ALA B 113 17.38 18.47 -35.54
C ALA B 113 16.41 17.60 -36.35
N GLY B 114 15.43 18.23 -36.99
CA GLY B 114 14.48 17.54 -37.86
C GLY B 114 13.08 17.36 -37.30
N LEU B 115 12.81 18.00 -36.16
CA LEU B 115 11.50 17.91 -35.52
C LEU B 115 10.65 19.10 -35.89
N VAL B 116 9.33 18.94 -35.86
CA VAL B 116 8.46 20.09 -36.03
C VAL B 116 8.10 20.60 -34.65
N THR B 117 8.36 21.88 -34.43
CA THR B 117 8.19 22.50 -33.14
C THR B 117 7.31 23.74 -33.24
N LYS B 118 6.51 23.99 -32.21
CA LYS B 118 5.63 25.15 -32.18
C LYS B 118 5.71 25.88 -30.85
N MET B 119 5.63 27.21 -30.92
CA MET B 119 5.58 28.06 -29.74
C MET B 119 4.13 28.37 -29.37
N MET B 120 3.79 28.19 -28.10
CA MET B 120 2.43 28.47 -27.64
C MET B 120 2.34 29.93 -27.20
N ARG B 121 1.66 30.73 -28.01
CA ARG B 121 1.68 32.19 -27.87
C ARG B 121 0.36 32.77 -27.35
N ASN B 122 -0.67 31.92 -27.26
CA ASN B 122 -1.96 32.36 -26.73
C ASN B 122 -1.91 32.54 -25.21
N PRO B 123 -2.07 33.80 -24.74
CA PRO B 123 -2.03 34.12 -23.30
C PRO B 123 -3.20 33.57 -22.48
N LYS B 124 -4.30 33.22 -23.14
CA LYS B 124 -5.49 32.70 -22.46
C LYS B 124 -5.45 31.19 -22.27
N PHE B 125 -4.32 30.58 -22.62
CA PHE B 125 -4.09 29.15 -22.52
C PHE B 125 -4.11 28.69 -21.07
N ARG B 126 -4.68 27.51 -20.84
CA ARG B 126 -4.77 26.95 -19.50
C ARG B 126 -3.86 25.74 -19.41
N VAL B 127 -2.74 25.91 -18.71
CA VAL B 127 -1.75 24.86 -18.51
C VAL B 127 -2.39 23.57 -18.01
N ASP B 128 -1.90 22.44 -18.52
CA ASP B 128 -2.47 21.13 -18.21
C ASP B 128 -2.33 20.77 -16.76
N TYR B 129 -3.15 19.83 -16.30
CA TYR B 129 -3.19 19.43 -14.90
C TYR B 129 -1.92 18.73 -14.44
N GLY B 130 -1.25 18.05 -15.38
CA GLY B 130 -0.08 17.25 -15.05
C GLY B 130 1.12 18.12 -14.74
N THR B 131 1.31 19.15 -15.56
CA THR B 131 2.37 20.14 -15.38
C THR B 131 2.24 20.84 -14.03
N ILE B 132 1.04 21.37 -13.76
CA ILE B 132 0.73 22.08 -12.51
C ILE B 132 0.99 21.22 -11.27
N THR B 133 0.89 19.91 -11.42
CA THR B 133 1.04 18.99 -10.28
C THR B 133 2.50 18.70 -9.99
N THR B 134 3.22 18.24 -11.01
CA THR B 134 4.66 18.00 -10.89
C THR B 134 5.39 19.23 -10.33
N LEU B 135 5.05 20.41 -10.85
CA LEU B 135 5.69 21.65 -10.42
C LEU B 135 5.43 21.98 -8.94
N HIS B 136 4.20 21.75 -8.48
CA HIS B 136 3.83 22.05 -7.10
C HIS B 136 4.46 21.06 -6.12
N LEU B 137 4.59 19.81 -6.55
CA LEU B 137 5.11 18.75 -5.69
C LEU B 137 6.60 18.88 -5.50
N ILE B 138 7.26 19.53 -6.46
CA ILE B 138 8.70 19.73 -6.41
C ILE B 138 9.04 21.16 -5.97
N ARG B 139 8.08 22.08 -6.10
CA ARG B 139 8.35 23.50 -5.90
C ARG B 139 7.09 24.31 -5.63
N PRO B 140 6.55 24.22 -4.40
CA PRO B 140 5.30 24.93 -4.06
C PRO B 140 5.43 26.45 -3.97
N GLN B 141 6.65 26.97 -4.08
CA GLN B 141 6.89 28.40 -3.97
C GLN B 141 6.53 29.17 -5.24
N TRP B 142 6.51 28.47 -6.37
CA TRP B 142 6.31 29.06 -7.70
C TRP B 142 7.25 30.25 -7.88
N ASP B 143 8.54 29.98 -7.79
CA ASP B 143 9.56 31.03 -7.77
C ASP B 143 10.63 30.86 -8.84
N ILE B 144 10.89 29.61 -9.23
CA ILE B 144 11.75 29.30 -10.36
C ILE B 144 10.92 29.34 -11.65
N PRO B 145 11.44 29.98 -12.72
CA PRO B 145 10.72 29.97 -13.99
C PRO B 145 10.73 28.61 -14.66
N VAL B 146 9.73 28.35 -15.50
CA VAL B 146 9.53 27.04 -16.07
C VAL B 146 9.51 27.04 -17.61
N VAL B 147 9.89 25.90 -18.18
CA VAL B 147 9.63 25.60 -19.58
C VAL B 147 8.76 24.35 -19.65
N GLY B 148 7.55 24.52 -20.16
CA GLY B 148 6.60 23.42 -20.30
C GLY B 148 6.59 22.93 -21.73
N ILE B 149 6.79 21.62 -21.89
CA ILE B 149 6.83 20.98 -23.20
C ILE B 149 5.65 20.01 -23.33
N SER B 150 5.05 19.98 -24.51
CA SER B 150 3.95 19.07 -24.81
C SER B 150 4.49 17.68 -25.08
N ALA B 151 3.63 16.68 -24.92
CA ALA B 151 3.94 15.31 -25.29
C ALA B 151 3.36 15.01 -26.67
N ASN B 152 4.22 14.93 -27.68
CA ASN B 152 3.78 14.61 -29.04
C ASN B 152 3.23 13.20 -29.17
N ASN B 153 2.08 13.10 -29.84
CA ASN B 153 1.44 11.86 -30.30
C ASN B 153 2.32 10.69 -30.71
N SER B 154 3.48 10.98 -31.30
CA SER B 154 4.34 9.98 -31.94
C SER B 154 4.22 8.53 -31.43
N PRO B 155 4.40 8.30 -30.11
CA PRO B 155 4.42 6.88 -29.67
C PRO B 155 3.07 6.17 -29.79
N TYR B 156 1.98 6.95 -29.80
CA TYR B 156 0.64 6.39 -29.93
C TYR B 156 0.17 6.33 -31.38
N TYR B 157 0.40 7.41 -32.13
CA TYR B 157 -0.08 7.51 -33.50
C TYR B 157 0.75 6.64 -34.45
N LEU B 158 2.06 6.72 -34.31
CA LEU B 158 2.96 5.94 -35.15
C LEU B 158 3.19 4.61 -34.45
N ASN B 159 4.17 4.57 -33.55
CA ASN B 159 4.45 3.42 -32.71
C ASN B 159 5.48 3.80 -31.66
N THR B 160 5.62 2.95 -30.63
CA THR B 160 6.50 3.20 -29.49
C THR B 160 7.95 3.50 -29.89
N LYS B 161 8.54 2.61 -30.68
CA LYS B 161 9.93 2.72 -31.12
C LYS B 161 10.19 4.03 -31.87
N GLU B 162 9.30 4.35 -32.80
CA GLU B 162 9.42 5.55 -33.62
C GLU B 162 9.19 6.83 -32.81
N GLY B 163 8.17 6.79 -31.95
CA GLY B 163 7.87 7.92 -31.07
C GLY B 163 8.97 8.15 -30.06
N MET B 164 9.57 7.06 -29.60
CA MET B 164 10.67 7.13 -28.65
C MET B 164 11.89 7.82 -29.25
N SER B 165 12.12 7.61 -30.55
CA SER B 165 13.19 8.29 -31.27
C SER B 165 13.00 9.80 -31.32
N GLU B 166 11.75 10.25 -31.49
CA GLU B 166 11.45 11.68 -31.48
C GLU B 166 11.78 12.31 -30.12
N MET B 167 11.44 11.58 -29.06
CA MET B 167 11.70 12.04 -27.70
C MET B 167 13.20 12.13 -27.42
N ASP B 168 13.95 11.23 -28.04
CA ASP B 168 15.40 11.23 -27.90
C ASP B 168 15.98 12.47 -28.60
N VAL B 169 15.63 12.63 -29.88
CA VAL B 169 16.01 13.81 -30.64
C VAL B 169 15.64 15.11 -29.90
N LEU B 170 14.44 15.12 -29.32
CA LEU B 170 13.97 16.24 -28.50
C LEU B 170 14.83 16.50 -27.25
N GLY B 171 15.31 15.41 -26.63
CA GLY B 171 16.16 15.51 -25.45
C GLY B 171 17.50 16.11 -25.80
N LYS B 172 18.08 15.61 -26.88
CA LYS B 172 19.36 16.11 -27.38
C LYS B 172 19.28 17.58 -27.74
N ALA B 173 18.14 17.99 -28.31
CA ALA B 173 17.91 19.39 -28.65
C ALA B 173 17.70 20.24 -27.40
N THR B 174 17.16 19.62 -26.36
CA THR B 174 16.94 20.29 -25.08
C THR B 174 18.27 20.61 -24.43
N ARG B 175 19.14 19.60 -24.33
CA ARG B 175 20.51 19.78 -23.85
C ARG B 175 21.22 20.89 -24.63
N GLU B 176 21.16 20.82 -25.95
CA GLU B 176 21.81 21.80 -26.82
C GLU B 176 21.31 23.22 -26.57
N ALA B 177 20.02 23.34 -26.31
CA ALA B 177 19.41 24.64 -25.99
C ALA B 177 19.88 25.17 -24.65
N ILE B 178 19.99 24.28 -23.66
CA ILE B 178 20.45 24.65 -22.32
C ILE B 178 21.88 25.17 -22.41
N ARG B 179 22.70 24.45 -23.16
CA ARG B 179 24.12 24.75 -23.24
C ARG B 179 24.39 26.05 -24.00
N LYS B 180 23.52 26.38 -24.96
CA LYS B 180 23.69 27.58 -25.76
C LYS B 180 23.22 28.83 -25.01
N THR B 181 22.19 28.67 -24.19
CA THR B 181 21.70 29.75 -23.32
C THR B 181 22.51 29.87 -22.03
N GLY B 182 23.26 28.82 -21.70
CA GLY B 182 24.06 28.77 -20.47
C GLY B 182 23.23 28.69 -19.20
N ARG B 183 22.07 28.04 -19.29
CA ARG B 183 21.13 27.97 -18.17
C ARG B 183 21.52 26.88 -17.18
N LYS B 184 21.14 27.07 -15.92
CA LYS B 184 21.32 26.07 -14.87
C LYS B 184 19.97 25.42 -14.64
N ALA B 185 19.79 24.25 -15.24
CA ALA B 185 18.45 23.70 -15.39
C ALA B 185 18.22 22.40 -14.62
N VAL B 186 16.97 22.20 -14.23
CA VAL B 186 16.52 20.93 -13.67
C VAL B 186 15.40 20.38 -14.54
N LEU B 187 15.57 19.14 -15.00
CA LEU B 187 14.61 18.47 -15.87
C LEU B 187 13.62 17.64 -15.06
N LEU B 188 12.35 17.70 -15.45
CA LEU B 188 11.28 16.99 -14.75
C LEU B 188 10.50 16.06 -15.67
N ALA B 189 10.82 14.77 -15.63
CA ALA B 189 10.07 13.77 -16.39
C ALA B 189 8.79 13.45 -15.64
N SER B 190 7.70 14.10 -16.04
CA SER B 190 6.45 13.98 -15.32
C SER B 190 5.72 12.66 -15.66
N ASN B 191 6.33 11.55 -15.28
CA ASN B 191 5.83 10.23 -15.64
C ASN B 191 5.46 9.35 -14.46
N THR B 192 4.41 8.56 -14.68
CA THR B 192 3.98 7.53 -13.79
C THR B 192 4.53 6.19 -14.31
N LEU B 193 4.56 5.17 -13.46
CA LEU B 193 5.02 3.86 -13.90
C LEU B 193 3.82 3.00 -14.31
N SER B 194 3.72 1.77 -13.79
CA SER B 194 2.61 0.87 -14.12
C SER B 194 1.25 1.56 -13.97
N HIS B 195 0.39 1.41 -14.97
CA HIS B 195 -0.81 2.23 -15.11
C HIS B 195 -2.04 1.37 -15.40
N TRP B 196 -2.04 0.13 -14.90
CA TRP B 196 -3.15 -0.82 -15.11
C TRP B 196 -4.43 -0.31 -14.44
N HIS B 197 -4.30 0.02 -13.15
CA HIS B 197 -5.33 0.64 -12.30
C HIS B 197 -6.76 0.05 -12.32
N PHE B 198 -7.55 0.45 -11.31
CA PHE B 198 -8.96 0.10 -11.22
C PHE B 198 -9.85 1.32 -11.42
N HIS B 199 -10.91 1.15 -12.20
CA HIS B 199 -11.80 2.26 -12.56
C HIS B 199 -12.92 2.49 -11.52
N GLU B 200 -12.53 2.61 -10.24
CA GLU B 200 -13.48 2.82 -9.15
C GLU B 200 -12.78 3.38 -7.90
N GLU B 201 -13.16 4.60 -7.52
CA GLU B 201 -12.62 5.25 -6.31
C GLU B 201 -13.62 5.20 -5.14
N PRO B 202 -13.12 5.11 -3.89
CA PRO B 202 -13.98 4.94 -2.72
C PRO B 202 -14.69 6.21 -2.27
N THR B 203 -15.53 6.09 -1.23
CA THR B 203 -16.24 7.21 -0.62
C THR B 203 -15.27 8.35 -0.30
N ILE B 204 -14.30 8.03 0.55
CA ILE B 204 -13.24 8.97 0.92
C ILE B 204 -12.02 8.59 0.10
N PRO B 205 -11.65 9.43 -0.89
CA PRO B 205 -10.49 9.08 -1.73
C PRO B 205 -9.19 8.96 -0.95
N GLU B 206 -9.09 9.68 0.17
CA GLU B 206 -7.90 9.65 1.03
C GLU B 206 -7.76 8.35 1.82
N ASP B 207 -8.84 7.57 1.87
CA ASP B 207 -8.87 6.32 2.65
C ASP B 207 -7.75 5.37 2.21
N MET B 208 -6.66 5.37 2.99
CA MET B 208 -5.45 4.67 2.58
C MET B 208 -5.53 3.15 2.74
N SER B 209 -6.50 2.68 3.50
CA SER B 209 -6.75 1.24 3.63
C SER B 209 -7.35 0.67 2.35
N LYS B 210 -7.76 1.56 1.44
CA LYS B 210 -8.30 1.17 0.13
C LYS B 210 -7.31 1.44 -1.01
N GLU B 211 -6.09 1.88 -0.66
CA GLU B 211 -5.05 2.15 -1.65
C GLU B 211 -3.95 1.07 -1.67
N TYR B 212 -3.71 0.50 -2.84
CA TYR B 212 -2.75 -0.59 -3.02
C TYR B 212 -2.43 -0.79 -4.50
N PRO B 213 -1.36 -1.55 -4.84
CA PRO B 213 -1.10 -1.84 -6.25
C PRO B 213 -2.29 -2.54 -6.91
N ALA B 214 -2.53 -2.25 -8.19
CA ALA B 214 -3.67 -2.84 -8.90
C ALA B 214 -3.38 -4.27 -9.31
N THR B 215 -2.16 -4.53 -9.78
CA THR B 215 -1.75 -5.88 -10.11
C THR B 215 -0.42 -6.21 -9.48
N MET B 216 -0.21 -7.49 -9.19
CA MET B 216 1.08 -7.96 -8.72
C MET B 216 2.11 -7.87 -9.84
N ALA B 217 1.71 -8.24 -11.05
CA ALA B 217 2.56 -8.13 -12.23
C ALA B 217 3.02 -6.68 -12.50
N GLY B 218 2.13 -5.72 -12.25
CA GLY B 218 2.45 -4.31 -12.40
C GLY B 218 3.49 -3.83 -11.39
N TYR B 219 3.17 -4.00 -10.12
CA TYR B 219 4.09 -3.69 -9.01
C TYR B 219 5.49 -4.30 -9.24
N GLN B 220 5.53 -5.54 -9.74
CA GLN B 220 6.79 -6.24 -9.96
C GLN B 220 7.64 -5.62 -11.07
N TRP B 221 7.01 -5.25 -12.18
CA TRP B 221 7.71 -4.53 -13.24
C TRP B 221 8.36 -3.26 -12.68
N ASP B 222 7.57 -2.49 -11.93
CA ASP B 222 8.01 -1.24 -11.30
C ASP B 222 9.28 -1.43 -10.47
N ILE B 223 9.20 -2.36 -9.49
CA ILE B 223 10.31 -2.71 -8.62
C ILE B 223 11.57 -3.05 -9.42
N ARG B 224 11.43 -3.99 -10.36
CA ARG B 224 12.54 -4.42 -11.19
C ARG B 224 13.21 -3.24 -11.89
N MET B 225 12.40 -2.33 -12.44
CA MET B 225 12.92 -1.15 -13.13
C MET B 225 13.58 -0.16 -12.19
N ILE B 226 12.93 0.18 -11.08
CA ILE B 226 13.50 1.15 -10.15
C ILE B 226 14.71 0.59 -9.37
N GLU B 227 14.80 -0.74 -9.30
CA GLU B 227 16.01 -1.39 -8.80
C GLU B 227 17.19 -1.16 -9.73
N LEU B 228 16.97 -1.38 -11.02
CA LEU B 228 17.99 -1.19 -12.05
C LEU B 228 18.43 0.27 -12.15
N MET B 229 17.50 1.18 -11.83
CA MET B 229 17.79 2.60 -11.75
C MET B 229 18.66 2.91 -10.54
N ARG B 230 18.40 2.22 -9.44
CA ARG B 230 19.22 2.33 -8.24
C ARG B 230 20.62 1.79 -8.47
N GLN B 231 20.72 0.62 -9.11
CA GLN B 231 22.01 0.01 -9.44
C GLN B 231 22.81 0.82 -10.46
N GLY B 232 22.15 1.79 -11.08
CA GLY B 232 22.77 2.65 -12.08
C GLY B 232 22.99 2.01 -13.45
N LYS B 233 22.31 0.90 -13.70
CA LYS B 233 22.43 0.17 -14.97
C LYS B 233 21.44 0.69 -16.03
N THR B 234 21.66 1.94 -16.43
CA THR B 234 20.74 2.68 -17.32
C THR B 234 20.46 2.01 -18.66
N SER B 235 21.52 1.62 -19.36
CA SER B 235 21.40 0.93 -20.64
C SER B 235 20.51 -0.29 -20.54
N GLU B 236 20.46 -0.89 -19.35
CA GLU B 236 19.61 -2.04 -19.12
C GLU B 236 18.15 -1.66 -18.95
N VAL B 237 17.87 -0.52 -18.33
CA VAL B 237 16.48 -0.08 -18.13
C VAL B 237 15.82 0.33 -19.45
N PHE B 238 16.61 0.90 -20.38
CA PHE B 238 16.08 1.31 -21.68
C PHE B 238 15.88 0.18 -22.67
N LYS B 239 16.70 -0.86 -22.56
CA LYS B 239 16.49 -2.09 -23.33
C LYS B 239 15.20 -2.78 -22.90
N LEU B 240 14.78 -2.52 -21.66
CA LEU B 240 13.56 -3.10 -21.10
C LEU B 240 12.34 -2.20 -21.21
N LEU B 241 12.57 -0.93 -21.56
CA LEU B 241 11.49 0.04 -21.63
C LEU B 241 10.34 -0.37 -22.58
N PRO B 242 10.66 -0.98 -23.73
CA PRO B 242 9.57 -1.42 -24.61
C PRO B 242 8.65 -2.48 -23.99
N GLN B 243 9.22 -3.50 -23.34
CA GLN B 243 8.41 -4.56 -22.73
C GLN B 243 7.68 -4.06 -21.50
N PHE B 244 8.35 -3.18 -20.74
CA PHE B 244 7.76 -2.51 -19.59
C PHE B 244 6.50 -1.74 -20.00
N ILE B 245 6.60 -1.00 -21.11
CA ILE B 245 5.46 -0.29 -21.69
C ILE B 245 4.29 -1.23 -22.07
N ASP B 246 4.59 -2.32 -22.78
CA ASP B 246 3.57 -3.28 -23.23
C ASP B 246 2.86 -4.02 -22.09
N GLU B 247 3.63 -4.47 -21.11
CA GLU B 247 3.11 -5.37 -20.08
C GLU B 247 2.57 -4.65 -18.86
N ALA B 248 3.20 -3.53 -18.49
CA ALA B 248 2.78 -2.78 -17.31
C ALA B 248 1.96 -1.55 -17.67
N PHE B 249 1.87 -1.26 -18.97
CA PHE B 249 1.13 -0.11 -19.49
C PHE B 249 1.65 1.19 -18.89
N ALA B 250 2.97 1.32 -18.88
CA ALA B 250 3.65 2.41 -18.19
C ALA B 250 3.46 3.75 -18.88
N GLU B 251 3.34 4.81 -18.07
CA GLU B 251 3.16 6.15 -18.59
C GLU B 251 4.44 6.74 -19.18
N VAL B 252 5.56 6.04 -19.03
CA VAL B 252 6.80 6.41 -19.72
C VAL B 252 6.65 6.32 -21.25
N LYS B 253 5.61 5.65 -21.72
CA LYS B 253 5.31 5.61 -23.16
C LYS B 253 5.16 7.02 -23.74
N SER B 254 4.69 7.94 -22.90
CA SER B 254 4.48 9.33 -23.29
C SER B 254 5.79 10.07 -23.60
N GLY B 255 6.91 9.55 -23.11
CA GLY B 255 8.23 9.99 -23.56
C GLY B 255 9.06 10.91 -22.69
N ALA B 256 8.46 11.43 -21.62
CA ALA B 256 9.18 12.31 -20.69
C ALA B 256 10.44 11.66 -20.15
N PHE B 257 10.38 10.37 -19.86
CA PHE B 257 11.51 9.61 -19.33
C PHE B 257 12.67 9.56 -20.32
N THR B 258 12.34 9.34 -21.60
CA THR B 258 13.34 9.24 -22.64
C THR B 258 13.91 10.62 -22.99
N TRP B 259 13.03 11.62 -23.02
CA TRP B 259 13.45 13.01 -23.20
C TRP B 259 14.47 13.42 -22.14
N MET B 260 14.17 13.15 -20.87
CA MET B 260 15.04 13.50 -19.77
C MET B 260 16.40 12.82 -19.90
N HIS B 261 16.40 11.49 -20.03
CA HIS B 261 17.64 10.71 -20.09
C HIS B 261 18.48 10.99 -21.31
N ALA B 262 17.81 11.22 -22.45
CA ALA B 262 18.51 11.65 -23.65
C ALA B 262 19.21 12.99 -23.43
N ALA B 263 18.54 13.92 -22.75
CA ALA B 263 19.13 15.21 -22.42
C ALA B 263 20.31 15.05 -21.45
N MET B 264 20.21 14.06 -20.55
CA MET B 264 21.32 13.76 -19.62
C MET B 264 22.32 12.77 -20.22
N GLN B 265 22.16 12.47 -21.51
CA GLN B 265 23.03 11.54 -22.25
C GLN B 265 23.09 10.13 -21.67
N TYR B 266 21.98 9.69 -21.10
CA TYR B 266 21.84 8.32 -20.57
C TYR B 266 22.98 7.92 -19.64
N PRO B 267 23.15 8.66 -18.53
CA PRO B 267 24.27 8.36 -17.64
C PRO B 267 24.12 7.03 -16.92
N GLU B 268 25.16 6.20 -16.98
CA GLU B 268 25.20 4.93 -16.24
C GLU B 268 25.47 5.20 -14.74
N LEU B 269 24.72 6.16 -14.19
CA LEU B 269 24.85 6.63 -12.81
C LEU B 269 23.74 6.06 -11.93
N ALA B 270 24.02 5.91 -10.64
CA ALA B 270 23.04 5.44 -9.67
C ALA B 270 21.98 6.50 -9.41
N ALA B 271 20.72 6.06 -9.32
CA ALA B 271 19.61 6.96 -9.04
C ALA B 271 19.10 6.80 -7.63
N GLU B 272 18.78 7.92 -6.99
CA GLU B 272 18.29 7.92 -5.64
C GLU B 272 16.77 7.82 -5.64
N LEU B 273 16.26 6.80 -4.96
CA LEU B 273 14.82 6.61 -4.82
C LEU B 273 14.31 7.27 -3.54
N PHE B 274 13.48 8.30 -3.68
CA PHE B 274 12.92 8.97 -2.52
C PHE B 274 11.73 8.22 -1.95
N GLY B 275 11.10 7.39 -2.77
CA GLY B 275 9.95 6.63 -2.33
C GLY B 275 9.08 6.13 -3.45
N TYR B 276 8.38 5.03 -3.17
CA TYR B 276 7.46 4.41 -4.10
C TYR B 276 6.13 4.23 -3.40
N GLY B 277 5.06 4.50 -4.14
CA GLY B 277 3.70 4.35 -3.63
C GLY B 277 2.70 4.20 -4.76
N THR B 278 1.50 3.75 -4.40
CA THR B 278 0.42 3.64 -5.37
C THR B 278 -0.60 4.76 -5.19
N VAL B 279 -1.10 5.23 -6.33
CA VAL B 279 -2.22 6.17 -6.38
C VAL B 279 -3.23 5.60 -7.36
N ILE B 280 -4.39 5.22 -6.85
CA ILE B 280 -5.44 4.57 -7.64
C ILE B 280 -4.87 3.32 -8.34
N GLY B 281 -4.22 2.46 -7.55
CA GLY B 281 -3.60 1.23 -8.06
C GLY B 281 -2.39 1.43 -8.94
N THR B 282 -2.07 2.70 -9.18
CA THR B 282 -1.07 3.11 -10.15
C THR B 282 0.30 3.26 -9.48
N GLY B 283 1.34 2.73 -10.11
CA GLY B 283 2.69 2.79 -9.57
C GLY B 283 3.37 4.13 -9.80
N ASN B 284 3.91 4.71 -8.72
CA ASN B 284 4.61 5.99 -8.80
C ASN B 284 5.94 5.99 -8.03
N ALA B 285 6.97 6.57 -8.65
CA ALA B 285 8.29 6.64 -8.05
C ALA B 285 8.88 8.04 -8.18
N VAL B 286 9.36 8.59 -7.06
CA VAL B 286 10.02 9.88 -7.04
C VAL B 286 11.52 9.64 -6.97
N MET B 287 12.24 10.03 -8.01
CA MET B 287 13.66 9.68 -8.16
C MET B 287 14.51 10.85 -8.68
N GLU B 288 15.82 10.75 -8.48
CA GLU B 288 16.74 11.82 -8.89
C GLU B 288 18.05 11.30 -9.45
N TRP B 289 18.55 11.97 -10.48
CA TRP B 289 19.87 11.71 -11.04
C TRP B 289 20.71 12.97 -10.82
N ASP B 290 21.49 12.98 -9.72
CA ASP B 290 22.33 14.13 -9.38
C ASP B 290 23.57 14.15 -10.27
N LEU B 291 23.59 15.11 -11.20
CA LEU B 291 24.67 15.17 -12.19
C LEU B 291 25.84 16.01 -11.70
N ARG B 292 25.56 16.99 -10.84
CA ARG B 292 26.60 17.74 -10.14
C ARG B 292 27.41 16.81 -9.22
N LYS B 293 26.71 16.13 -8.31
CA LYS B 293 27.33 15.16 -7.39
C LYS B 293 27.98 13.97 -8.14
N ALA B 294 28.07 14.10 -9.46
CA ALA B 294 28.74 13.12 -10.32
C ALA B 294 29.68 13.82 -11.29
N GLY B 295 29.57 15.15 -11.36
CA GLY B 295 30.40 15.98 -12.24
C GLY B 295 30.11 15.83 -13.71
N LEU B 296 28.85 15.53 -14.05
CA LEU B 296 28.45 15.33 -15.45
C LEU B 296 27.46 16.40 -15.88
N SER B 297 27.34 17.45 -15.07
CA SER B 297 26.32 18.47 -15.24
C SER B 297 26.71 19.59 -16.21
N MET B 298 28.01 19.80 -16.38
CA MET B 298 28.51 20.87 -17.23
C MET B 298 28.52 20.41 -18.70
N LEU B 299 27.98 21.27 -19.55
CA LEU B 299 27.71 20.91 -20.94
C LEU B 299 28.73 21.49 -21.93
N GLY B 300 29.19 22.71 -21.68
CA GLY B 300 30.18 23.37 -22.54
C GLY B 300 30.01 24.87 -22.63
N ALA B 301 30.83 25.50 -23.47
CA ALA B 301 30.84 26.96 -23.63
C ALA B 301 29.54 27.52 -24.22
N ALA B 302 29.00 28.55 -23.57
CA ALA B 302 27.77 29.22 -24.03
C ALA B 302 28.05 30.16 -25.21
N ASP B 303 26.99 30.54 -25.92
CA ASP B 303 27.07 31.41 -27.10
C ASP B 303 27.11 32.90 -26.74
N GLN B 304 27.34 33.74 -27.76
CA GLN B 304 27.35 35.21 -27.65
C GLN B 304 28.53 35.74 -26.81
N THR C 2 -15.33 -43.08 22.29
CA THR C 2 -13.92 -42.99 21.79
C THR C 2 -12.98 -42.31 22.80
N VAL C 3 -13.43 -41.24 23.44
CA VAL C 3 -12.64 -40.62 24.52
C VAL C 3 -12.63 -41.55 25.73
N VAL C 4 -11.45 -42.05 26.05
CA VAL C 4 -11.31 -43.08 27.10
C VAL C 4 -10.63 -42.56 28.38
N SER C 5 -10.14 -41.32 28.33
CA SER C 5 -9.36 -40.73 29.40
C SER C 5 -9.35 -39.23 29.26
N ALA C 6 -9.24 -38.53 30.39
CA ALA C 6 -9.18 -37.06 30.38
C ALA C 6 -8.40 -36.52 31.56
N PHE C 7 -7.55 -35.53 31.28
CA PHE C 7 -6.67 -34.94 32.28
C PHE C 7 -6.45 -33.46 32.07
N LEU C 8 -6.21 -32.75 33.16
CA LEU C 8 -5.66 -31.40 33.12
C LEU C 8 -4.36 -31.43 33.91
N VAL C 9 -3.30 -30.89 33.33
CA VAL C 9 -1.98 -30.85 33.97
C VAL C 9 -1.32 -29.47 33.83
N PRO C 10 -0.36 -29.15 34.72
CA PRO C 10 0.29 -27.84 34.67
C PRO C 10 1.21 -27.72 33.48
N GLY C 11 1.28 -26.52 32.91
CA GLY C 11 2.17 -26.21 31.81
C GLY C 11 3.44 -25.51 32.26
N THR C 12 3.62 -25.38 33.57
CA THR C 12 4.85 -24.82 34.12
C THR C 12 5.97 -25.87 34.16
N PRO C 13 7.23 -25.46 33.87
CA PRO C 13 8.33 -26.42 33.85
C PRO C 13 8.98 -26.64 35.22
N LEU C 14 8.61 -25.82 36.20
CA LEU C 14 9.25 -25.84 37.51
C LEU C 14 9.15 -27.20 38.24
N PRO C 15 8.01 -27.90 38.13
CA PRO C 15 7.97 -29.24 38.73
C PRO C 15 8.97 -30.23 38.12
N GLN C 16 9.08 -30.26 36.79
CA GLN C 16 10.06 -31.12 36.12
C GLN C 16 11.51 -30.70 36.35
N LEU C 17 11.78 -29.40 36.25
CA LEU C 17 13.14 -28.88 36.33
C LEU C 17 13.74 -28.96 37.73
N LYS C 18 12.92 -28.67 38.74
CA LYS C 18 13.44 -28.63 40.10
C LYS C 18 12.53 -29.37 41.07
N PRO C 19 12.41 -30.70 40.90
CA PRO C 19 11.55 -31.44 41.83
C PRO C 19 12.09 -31.55 43.27
N GLU C 20 13.30 -31.05 43.54
CA GLU C 20 13.85 -31.04 44.91
C GLU C 20 13.10 -30.09 45.86
N VAL C 21 12.41 -29.11 45.29
CA VAL C 21 11.48 -28.26 46.04
C VAL C 21 10.24 -29.10 46.34
N PRO C 22 9.93 -29.32 47.63
CA PRO C 22 8.88 -30.25 48.03
C PRO C 22 7.53 -30.06 47.31
N SER C 23 6.98 -28.85 47.33
CA SER C 23 5.69 -28.59 46.67
C SER C 23 5.73 -28.89 45.17
N TRP C 24 6.85 -28.54 44.53
CA TRP C 24 7.02 -28.79 43.11
C TRP C 24 7.25 -30.28 42.88
N GLY C 25 7.98 -30.90 43.79
CA GLY C 25 8.17 -32.34 43.81
C GLY C 25 6.84 -33.07 43.82
N GLN C 26 5.90 -32.57 44.61
CA GLN C 26 4.55 -33.15 44.70
C GLN C 26 3.81 -32.97 43.38
N LEU C 27 3.88 -31.76 42.82
CA LEU C 27 3.29 -31.50 41.50
C LEU C 27 3.84 -32.46 40.43
N ALA C 28 5.15 -32.70 40.48
CA ALA C 28 5.80 -33.60 39.52
C ALA C 28 5.32 -35.02 39.72
N ALA C 29 5.32 -35.48 40.97
CA ALA C 29 4.85 -36.82 41.33
C ALA C 29 3.39 -37.05 40.89
N ALA C 30 2.57 -36.01 40.99
CA ALA C 30 1.16 -36.09 40.65
C ALA C 30 0.91 -36.11 39.15
N THR C 31 1.82 -35.53 38.38
CA THR C 31 1.72 -35.54 36.92
C THR C 31 2.18 -36.90 36.40
N GLU C 32 3.16 -37.49 37.08
CA GLU C 32 3.65 -38.84 36.77
C GLU C 32 2.55 -39.87 37.06
N ARG C 33 1.88 -39.71 38.19
CA ARG C 33 0.79 -40.59 38.58
C ARG C 33 -0.38 -40.49 37.59
N ALA C 34 -0.59 -39.31 37.01
CA ALA C 34 -1.58 -39.13 35.97
C ALA C 34 -1.17 -39.82 34.66
N GLY C 35 0.13 -40.09 34.54
CA GLY C 35 0.69 -40.80 33.38
C GLY C 35 0.38 -42.29 33.39
N LYS C 36 0.42 -42.90 34.57
CA LYS C 36 0.03 -44.29 34.75
C LYS C 36 -1.46 -44.47 34.43
N ALA C 37 -2.28 -43.54 34.94
CA ALA C 37 -3.71 -43.52 34.68
C ALA C 37 -4.00 -43.31 33.20
N LEU C 38 -3.13 -42.55 32.53
CA LEU C 38 -3.23 -42.31 31.10
C LEU C 38 -2.98 -43.61 30.33
N ALA C 39 -1.86 -44.24 30.60
CA ALA C 39 -1.46 -45.48 29.93
C ALA C 39 -2.52 -46.59 30.09
N ALA C 40 -2.98 -46.76 31.32
CA ALA C 40 -3.98 -47.78 31.66
C ALA C 40 -5.31 -47.66 30.90
N SER C 41 -5.59 -46.46 30.40
CA SER C 41 -6.82 -46.24 29.63
C SER C 41 -6.67 -46.72 28.18
N ARG C 42 -5.46 -47.14 27.82
CA ARG C 42 -5.13 -47.71 26.50
C ARG C 42 -5.55 -46.85 25.30
N PRO C 43 -5.10 -45.58 25.24
CA PRO C 43 -5.48 -44.77 24.07
C PRO C 43 -4.56 -45.01 22.87
N ASP C 44 -5.02 -44.57 21.70
CA ASP C 44 -4.22 -44.67 20.46
C ASP C 44 -3.60 -43.33 20.13
N VAL C 45 -4.33 -42.25 20.45
CA VAL C 45 -3.92 -40.87 20.20
C VAL C 45 -4.18 -40.02 21.44
N VAL C 46 -3.37 -38.99 21.62
CA VAL C 46 -3.56 -38.06 22.73
C VAL C 46 -3.86 -36.64 22.24
N LEU C 47 -5.11 -36.21 22.44
CA LEU C 47 -5.55 -34.86 22.09
C LEU C 47 -5.02 -33.82 23.08
N VAL C 48 -3.93 -33.17 22.69
CA VAL C 48 -3.25 -32.22 23.58
C VAL C 48 -3.47 -30.77 23.18
N TYR C 49 -3.77 -29.95 24.18
CA TYR C 49 -3.87 -28.51 24.04
C TYR C 49 -3.06 -27.88 25.17
N SER C 50 -2.23 -26.91 24.81
CA SER C 50 -1.39 -26.20 25.78
C SER C 50 -1.66 -24.70 25.70
N THR C 51 -1.64 -24.05 26.85
CA THR C 51 -1.87 -22.60 26.91
C THR C 51 -0.69 -21.81 26.35
N GLN C 52 0.46 -22.46 26.22
CA GLN C 52 1.71 -21.77 25.82
C GLN C 52 2.00 -21.85 24.31
N TRP C 53 1.20 -22.65 23.61
CA TRP C 53 1.31 -22.81 22.16
C TRP C 53 0.48 -21.69 21.53
N LEU C 54 1.13 -20.55 21.28
CA LEU C 54 0.43 -19.36 20.82
C LEU C 54 0.42 -19.21 19.30
N ALA C 55 -0.78 -19.10 18.76
CA ALA C 55 -1.00 -18.78 17.35
C ALA C 55 -1.87 -17.53 17.26
N VAL C 56 -1.68 -16.74 16.20
CA VAL C 56 -2.47 -15.51 16.02
C VAL C 56 -3.32 -15.45 14.75
N LEU C 57 -2.75 -15.89 13.62
CA LEU C 57 -3.44 -15.81 12.33
C LEU C 57 -4.63 -16.74 12.25
N ASP C 58 -4.37 -18.04 12.42
CA ASP C 58 -5.40 -19.06 12.34
C ASP C 58 -5.04 -20.26 13.19
N GLN C 59 -5.94 -21.23 13.31
CA GLN C 59 -5.67 -22.43 14.11
C GLN C 59 -4.54 -23.25 13.52
N GLN C 60 -3.56 -23.58 14.34
CA GLN C 60 -2.44 -24.42 13.92
C GLN C 60 -2.50 -25.79 14.56
N TRP C 61 -2.37 -26.83 13.74
CA TRP C 61 -2.28 -28.21 14.22
C TRP C 61 -0.90 -28.78 13.87
N LEU C 62 -0.26 -29.40 14.85
CA LEU C 62 1.06 -30.04 14.69
C LEU C 62 0.91 -31.24 13.76
N THR C 63 1.54 -31.18 12.58
CA THR C 63 1.47 -32.28 11.63
C THR C 63 2.80 -33.04 11.47
N ARG C 64 3.86 -32.56 12.11
CA ARG C 64 5.19 -33.17 11.95
C ARG C 64 5.27 -34.54 12.62
N PRO C 65 5.51 -35.60 11.80
CA PRO C 65 5.58 -36.97 12.31
C PRO C 65 6.36 -37.10 13.61
N ARG C 66 7.58 -36.56 13.61
CA ARG C 66 8.46 -36.61 14.78
C ARG C 66 9.23 -35.29 14.96
N SER C 67 9.07 -34.68 16.14
CA SER C 67 9.80 -33.46 16.50
C SER C 67 10.70 -33.70 17.69
N GLU C 68 11.95 -33.27 17.60
CA GLU C 68 12.90 -33.46 18.70
C GLU C 68 13.90 -32.33 18.80
N GLY C 69 14.47 -32.18 19.99
CA GLY C 69 15.44 -31.13 20.26
C GLY C 69 15.54 -30.80 21.73
N VAL C 70 16.22 -29.71 22.04
CA VAL C 70 16.39 -29.26 23.40
C VAL C 70 15.77 -27.89 23.55
N HIS C 71 14.72 -27.79 24.34
CA HIS C 71 14.04 -26.52 24.55
C HIS C 71 14.52 -25.83 25.82
N VAL C 72 14.72 -24.51 25.70
CA VAL C 72 15.10 -23.68 26.82
C VAL C 72 13.95 -22.70 27.02
N ASP C 73 13.35 -22.74 28.21
CA ASP C 73 12.23 -21.89 28.54
C ASP C 73 12.74 -20.45 28.64
N GLU C 74 12.04 -19.53 27.98
CA GLU C 74 12.47 -18.13 27.92
C GLU C 74 12.39 -17.40 29.27
N ASN C 75 11.83 -18.07 30.27
CA ASN C 75 11.70 -17.57 31.64
C ASN C 75 12.45 -18.39 32.68
N TRP C 76 12.53 -19.70 32.48
CA TRP C 76 13.06 -20.60 33.49
C TRP C 76 14.21 -21.42 32.94
N TYR C 77 15.23 -20.71 32.48
CA TYR C 77 16.34 -21.31 31.76
C TYR C 77 17.51 -21.59 32.68
N GLU C 78 17.37 -21.22 33.95
CA GLU C 78 18.44 -21.40 34.91
C GLU C 78 18.34 -22.75 35.62
N PHE C 79 17.16 -23.38 35.56
CA PHE C 79 16.92 -24.63 36.26
C PHE C 79 17.14 -25.87 35.40
N GLY C 80 17.69 -25.68 34.20
CA GLY C 80 17.98 -26.80 33.29
C GLY C 80 17.30 -26.71 31.93
N ASP C 81 17.60 -27.69 31.08
CA ASP C 81 17.01 -27.77 29.74
C ASP C 81 15.84 -28.74 29.68
N LEU C 82 15.18 -28.76 28.53
CA LEU C 82 13.98 -29.55 28.34
C LEU C 82 14.08 -30.33 27.01
N ALA C 83 14.77 -31.46 27.06
CA ALA C 83 14.86 -32.36 25.91
C ALA C 83 13.49 -32.94 25.61
N TYR C 84 13.21 -33.17 24.33
CA TYR C 84 11.93 -33.75 23.93
C TYR C 84 12.05 -34.58 22.67
N ASP C 85 11.17 -35.57 22.55
CA ASP C 85 11.04 -36.38 21.35
C ASP C 85 9.57 -36.74 21.19
N ILE C 86 8.89 -35.99 20.33
CA ILE C 86 7.44 -36.02 20.28
C ILE C 86 6.91 -36.55 18.95
N ARG C 87 6.09 -37.60 19.04
CA ARG C 87 5.42 -38.16 17.86
C ARG C 87 4.04 -37.55 17.69
N ALA C 88 3.60 -37.47 16.43
CA ALA C 88 2.27 -36.96 16.10
C ALA C 88 1.47 -37.94 15.26
N ASP C 89 0.17 -38.07 15.56
CA ASP C 89 -0.74 -38.78 14.69
C ASP C 89 -1.05 -37.91 13.47
N THR C 90 -0.25 -38.09 12.44
CA THR C 90 -0.28 -37.28 11.22
C THR C 90 -1.60 -37.40 10.45
N ALA C 91 -2.20 -38.58 10.51
CA ALA C 91 -3.50 -38.83 9.86
C ALA C 91 -4.62 -38.04 10.55
N LEU C 92 -4.67 -38.10 11.89
CA LEU C 92 -5.65 -37.33 12.64
C LEU C 92 -5.45 -35.83 12.54
N ALA C 93 -4.21 -35.39 12.74
CA ALA C 93 -3.87 -33.97 12.68
C ALA C 93 -4.28 -33.35 11.35
N GLU C 94 -3.87 -33.99 10.24
CA GLU C 94 -4.18 -33.50 8.91
C GLU C 94 -5.69 -33.50 8.67
N ALA C 95 -6.38 -34.49 9.24
CA ALA C 95 -7.84 -34.54 9.18
C ALA C 95 -8.45 -33.37 9.95
N CYS C 96 -7.88 -33.08 11.13
CA CYS C 96 -8.30 -31.94 11.93
C CYS C 96 -8.13 -30.64 11.17
N VAL C 97 -7.02 -30.53 10.43
CA VAL C 97 -6.78 -29.38 9.58
C VAL C 97 -7.86 -29.21 8.51
N THR C 98 -8.27 -30.32 7.89
CA THR C 98 -9.30 -30.30 6.84
C THR C 98 -10.69 -30.10 7.45
N SER C 99 -10.95 -30.74 8.60
CA SER C 99 -12.24 -30.62 9.28
C SER C 99 -12.49 -29.22 9.84
N SER C 100 -11.40 -28.50 10.13
CA SER C 100 -11.48 -27.20 10.79
C SER C 100 -12.27 -26.11 10.04
N PRO C 101 -11.93 -25.85 8.76
CA PRO C 101 -12.62 -24.75 8.06
C PRO C 101 -14.09 -25.06 7.76
N LEU C 102 -14.48 -26.32 7.88
CA LEU C 102 -15.88 -26.70 7.74
C LEU C 102 -16.72 -26.29 8.95
N HIS C 103 -16.06 -26.17 10.11
CA HIS C 103 -16.73 -25.76 11.34
C HIS C 103 -16.58 -24.27 11.62
N GLY C 104 -16.01 -23.53 10.66
CA GLY C 104 -15.88 -22.08 10.75
C GLY C 104 -14.55 -21.58 11.31
N VAL C 105 -13.53 -22.43 11.30
CA VAL C 105 -12.22 -22.07 11.84
C VAL C 105 -11.10 -22.35 10.82
N HIS C 106 -10.47 -21.28 10.33
CA HIS C 106 -9.33 -21.40 9.41
C HIS C 106 -8.17 -22.10 10.10
N ALA C 107 -7.69 -23.17 9.48
CA ALA C 107 -6.59 -23.94 10.05
C ALA C 107 -5.50 -24.24 9.02
N ARG C 108 -4.29 -24.49 9.51
CA ARG C 108 -3.16 -24.88 8.68
C ARG C 108 -2.30 -25.87 9.45
N GLY C 109 -1.78 -26.88 8.74
CA GLY C 109 -0.91 -27.87 9.36
C GLY C 109 0.45 -27.26 9.61
N VAL C 110 1.17 -27.76 10.61
CA VAL C 110 2.51 -27.25 10.91
C VAL C 110 3.55 -28.37 10.93
N ASN C 111 4.39 -28.38 9.90
CA ASN C 111 5.42 -29.39 9.72
C ASN C 111 6.70 -28.75 9.23
N TYR C 112 7.57 -28.42 10.17
CA TYR C 112 8.83 -27.77 9.87
C TYR C 112 9.89 -28.28 10.83
N ASP C 113 11.09 -28.49 10.32
CA ASP C 113 12.21 -28.95 11.14
C ASP C 113 12.63 -27.86 12.12
N GLY C 114 12.73 -28.22 13.40
CA GLY C 114 13.09 -27.26 14.45
C GLY C 114 11.98 -26.29 14.83
N PHE C 115 10.74 -26.65 14.54
CA PHE C 115 9.59 -25.86 14.95
C PHE C 115 9.50 -25.93 16.47
N PRO C 116 9.43 -24.76 17.13
CA PRO C 116 9.45 -24.75 18.60
C PRO C 116 8.16 -25.25 19.20
N ILE C 117 8.23 -26.39 19.87
CA ILE C 117 7.10 -26.88 20.63
C ILE C 117 7.17 -26.21 22.01
N ASP C 118 6.03 -25.73 22.49
CA ASP C 118 5.99 -24.95 23.71
C ASP C 118 6.38 -25.76 24.94
N THR C 119 6.83 -25.05 25.97
CA THR C 119 7.24 -25.65 27.23
C THR C 119 6.18 -26.55 27.84
N GLY C 120 4.92 -26.13 27.76
CA GLY C 120 3.82 -26.87 28.36
C GLY C 120 3.73 -28.28 27.79
N THR C 121 3.66 -28.36 26.47
CA THR C 121 3.56 -29.63 25.75
C THR C 121 4.73 -30.56 26.06
N ILE C 122 5.91 -29.98 26.22
CA ILE C 122 7.13 -30.74 26.48
C ILE C 122 7.13 -31.33 27.88
N THR C 123 6.83 -30.50 28.88
CA THR C 123 6.86 -30.96 30.28
C THR C 123 5.80 -32.02 30.58
N ALA C 124 4.63 -31.87 29.97
CA ALA C 124 3.58 -32.87 30.10
C ALA C 124 3.93 -34.18 29.37
N CYS C 125 4.67 -34.09 28.26
CA CYS C 125 5.16 -35.28 27.57
C CYS C 125 6.16 -36.03 28.45
N THR C 126 7.17 -35.31 28.94
CA THR C 126 8.22 -35.87 29.79
C THR C 126 7.65 -36.52 31.04
N LEU C 127 6.81 -35.78 31.76
CA LEU C 127 6.29 -36.23 33.06
C LEU C 127 5.22 -37.33 32.96
N MET C 128 4.29 -37.15 32.02
CA MET C 128 3.21 -38.12 31.80
C MET C 128 3.66 -39.32 30.95
N GLY C 129 4.85 -39.24 30.38
CA GLY C 129 5.34 -40.27 29.46
C GLY C 129 4.48 -40.36 28.21
N ILE C 130 4.16 -39.22 27.63
CA ILE C 130 3.34 -39.21 26.40
C ILE C 130 4.09 -38.66 25.19
N GLY C 131 3.43 -38.65 24.04
CA GLY C 131 4.05 -38.25 22.79
C GLY C 131 5.08 -39.25 22.27
N THR C 132 5.03 -40.49 22.77
CA THR C 132 5.83 -41.59 22.24
C THR C 132 5.07 -42.29 21.11
N ASP C 133 5.71 -43.22 20.41
CA ASP C 133 5.06 -43.93 19.30
C ASP C 133 3.82 -44.73 19.74
N ALA C 134 3.81 -45.16 21.00
CA ALA C 134 2.65 -45.82 21.61
C ALA C 134 1.49 -44.84 21.74
N PHE C 135 1.77 -43.64 22.24
CA PHE C 135 0.75 -42.60 22.44
C PHE C 135 1.08 -41.29 21.71
N PRO C 136 0.95 -41.25 20.37
CA PRO C 136 1.24 -40.02 19.63
C PRO C 136 0.29 -38.88 19.98
N LEU C 137 0.58 -37.67 19.52
CA LEU C 137 -0.26 -36.51 19.85
C LEU C 137 -0.97 -35.90 18.65
N VAL C 138 -2.11 -35.27 18.92
CA VAL C 138 -2.72 -34.30 18.01
C VAL C 138 -2.80 -33.02 18.82
N VAL C 139 -1.81 -32.15 18.63
CA VAL C 139 -1.72 -30.91 19.36
C VAL C 139 -2.38 -29.78 18.58
N GLY C 140 -3.32 -29.10 19.23
CA GLY C 140 -3.96 -27.92 18.67
C GLY C 140 -3.40 -26.68 19.36
N SER C 141 -3.12 -25.65 18.56
CA SER C 141 -2.59 -24.40 19.10
C SER C 141 -3.65 -23.63 19.88
N ASN C 142 -3.17 -22.78 20.80
CA ASN C 142 -4.01 -21.79 21.44
C ASN C 142 -3.97 -20.49 20.62
N ASN C 143 -4.94 -20.34 19.72
CA ASN C 143 -5.11 -19.07 19.04
C ASN C 143 -5.60 -18.01 20.02
N LEU C 144 -4.92 -16.86 20.01
CA LEU C 144 -5.20 -15.78 20.96
C LEU C 144 -6.56 -15.15 20.73
N TYR C 145 -7.00 -15.11 19.48
CA TYR C 145 -8.29 -14.53 19.13
C TYR C 145 -9.46 -15.50 19.35
N HIS C 146 -9.16 -16.77 19.63
CA HIS C 146 -10.19 -17.79 19.88
C HIS C 146 -10.80 -17.66 21.27
N SER C 147 -12.11 -17.90 21.35
CA SER C 147 -12.82 -17.94 22.63
C SER C 147 -12.93 -19.37 23.13
N GLY C 148 -13.31 -19.52 24.39
CA GLY C 148 -13.58 -20.85 24.98
C GLY C 148 -14.60 -21.65 24.19
N GLU C 149 -15.59 -20.93 23.65
CA GLU C 149 -16.59 -21.49 22.74
C GLU C 149 -15.90 -22.18 21.55
N ILE C 150 -15.03 -21.44 20.87
CA ILE C 150 -14.28 -21.94 19.72
C ILE C 150 -13.35 -23.10 20.10
N THR C 151 -12.73 -22.99 21.28
CA THR C 151 -11.83 -24.01 21.79
C THR C 151 -12.59 -25.32 22.01
N GLU C 152 -13.78 -25.22 22.60
CA GLU C 152 -14.66 -26.36 22.78
C GLU C 152 -15.06 -26.98 21.43
N LYS C 153 -15.37 -26.11 20.47
CA LYS C 153 -15.68 -26.53 19.10
C LYS C 153 -14.48 -27.23 18.45
N LEU C 154 -13.26 -26.76 18.77
CA LEU C 154 -12.03 -27.34 18.24
C LEU C 154 -11.76 -28.74 18.80
N ALA C 155 -11.94 -28.91 20.10
CA ALA C 155 -11.75 -30.20 20.76
C ALA C 155 -12.77 -31.22 20.27
N ALA C 156 -14.03 -30.78 20.15
CA ALA C 156 -15.12 -31.65 19.70
C ALA C 156 -14.84 -32.15 18.29
N LEU C 157 -14.54 -31.21 17.40
CA LEU C 157 -14.15 -31.47 16.01
C LEU C 157 -13.06 -32.54 15.87
N ALA C 158 -12.16 -32.61 16.84
CA ALA C 158 -11.06 -33.57 16.81
C ALA C 158 -11.48 -34.95 17.29
N VAL C 159 -12.34 -34.98 18.31
CA VAL C 159 -12.94 -36.22 18.81
C VAL C 159 -13.75 -36.87 17.68
N ASP C 160 -14.48 -36.05 16.93
CA ASP C 160 -15.28 -36.50 15.80
C ASP C 160 -14.43 -36.96 14.62
N CYS C 161 -13.24 -36.36 14.48
CA CYS C 161 -12.27 -36.79 13.50
C CYS C 161 -11.62 -38.10 13.94
N ALA C 162 -11.57 -38.33 15.24
CA ALA C 162 -11.04 -39.56 15.81
C ALA C 162 -12.05 -40.70 15.71
N LYS C 163 -13.34 -40.34 15.71
CA LYS C 163 -14.44 -41.30 15.65
C LYS C 163 -14.49 -42.05 14.33
N ASP C 164 -14.34 -41.32 13.21
CA ASP C 164 -14.42 -41.93 11.89
C ASP C 164 -13.10 -42.57 11.43
N GLN C 165 -12.07 -42.45 12.27
CA GLN C 165 -10.82 -43.19 12.11
C GLN C 165 -10.76 -44.31 13.14
N ASN C 166 -11.84 -44.42 13.91
CA ASN C 166 -12.02 -45.49 14.90
C ASN C 166 -10.79 -45.64 15.82
N LYS C 167 -10.56 -44.61 16.63
CA LYS C 167 -9.40 -44.57 17.53
C LYS C 167 -9.78 -44.13 18.95
N ARG C 168 -9.07 -44.66 19.93
CA ARG C 168 -9.27 -44.31 21.35
C ARG C 168 -8.49 -43.05 21.75
N VAL C 169 -9.21 -42.09 22.33
CA VAL C 169 -8.66 -40.76 22.63
C VAL C 169 -8.48 -40.49 24.12
N ALA C 170 -7.25 -40.13 24.48
CA ALA C 170 -6.98 -39.53 25.79
C ALA C 170 -6.84 -38.01 25.61
N VAL C 171 -7.52 -37.26 26.46
CA VAL C 171 -7.53 -35.81 26.34
C VAL C 171 -6.70 -35.19 27.46
N VAL C 172 -5.79 -34.31 27.08
CA VAL C 172 -4.96 -33.59 28.04
C VAL C 172 -4.97 -32.11 27.72
N GLY C 173 -5.45 -31.31 28.68
CA GLY C 173 -5.38 -29.86 28.57
C GLY C 173 -4.24 -29.38 29.46
N VAL C 174 -3.29 -28.69 28.86
CA VAL C 174 -2.11 -28.25 29.61
C VAL C 174 -2.15 -26.76 29.90
N GLY C 175 -2.02 -26.39 31.16
CA GLY C 175 -2.05 -24.99 31.58
C GLY C 175 -2.20 -24.86 33.09
N GLY C 176 -2.02 -23.63 33.59
CA GLY C 176 -2.09 -23.36 35.02
C GLY C 176 -3.46 -22.90 35.49
N LEU C 177 -3.59 -22.69 36.79
CA LEU C 177 -4.79 -22.12 37.38
C LEU C 177 -4.65 -20.60 37.55
N SER C 178 -4.63 -20.11 38.78
CA SER C 178 -4.47 -18.67 39.02
C SER C 178 -3.09 -18.23 38.54
N GLY C 179 -3.01 -17.03 37.97
CA GLY C 179 -1.78 -16.58 37.34
C GLY C 179 -1.14 -15.34 37.95
N SER C 180 -1.18 -15.22 39.26
CA SER C 180 -0.52 -14.11 39.95
C SER C 180 0.95 -14.42 40.18
N LEU C 181 1.72 -14.48 39.10
CA LEU C 181 3.17 -14.70 39.22
C LEU C 181 3.85 -13.61 40.04
N PHE C 182 4.70 -14.01 40.97
CA PHE C 182 5.52 -13.08 41.74
C PHE C 182 6.38 -12.29 40.77
N ARG C 183 6.57 -11.01 41.05
CA ARG C 183 7.28 -10.13 40.13
C ARG C 183 8.72 -9.83 40.54
N GLU C 184 9.16 -10.43 41.63
CA GLU C 184 10.57 -10.44 42.04
C GLU C 184 11.04 -11.89 42.24
N GLU C 185 12.34 -12.10 42.21
CA GLU C 185 12.90 -13.44 42.42
C GLU C 185 12.76 -13.87 43.88
N ILE C 186 12.17 -15.03 44.11
CA ILE C 186 12.07 -15.55 45.50
C ILE C 186 12.94 -16.79 45.73
N ASP C 187 13.07 -17.19 47.00
CA ASP C 187 13.65 -18.48 47.35
C ASP C 187 12.60 -19.52 46.96
N PRO C 188 12.94 -20.41 46.01
CA PRO C 188 11.99 -21.43 45.55
C PRO C 188 11.41 -22.31 46.67
N ARG C 189 12.19 -22.54 47.72
CA ARG C 189 11.74 -23.30 48.90
C ARG C 189 10.57 -22.66 49.65
N GLU C 190 10.44 -21.34 49.53
CA GLU C 190 9.31 -20.64 50.15
C GLU C 190 8.24 -20.16 49.17
N ASP C 191 8.24 -20.74 47.97
CA ASP C 191 7.16 -20.53 47.02
C ASP C 191 5.83 -20.98 47.63
N ARG C 192 4.87 -20.07 47.62
CA ARG C 192 3.49 -20.35 47.98
C ARG C 192 2.58 -19.67 46.97
N ILE C 193 1.27 -19.93 47.06
CA ILE C 193 0.28 -19.22 46.25
C ILE C 193 0.32 -17.74 46.61
N ALA C 194 0.30 -16.89 45.59
CA ALA C 194 0.47 -15.44 45.77
C ALA C 194 -0.46 -14.82 46.82
N ASN C 195 -1.75 -15.10 46.72
CA ASN C 195 -2.77 -14.54 47.61
C ASN C 195 -3.48 -15.65 48.37
N GLU C 196 -4.55 -15.28 49.07
CA GLU C 196 -5.47 -16.26 49.61
C GLU C 196 -6.74 -16.19 48.78
N GLU C 197 -6.93 -15.05 48.13
CA GLU C 197 -8.04 -14.87 47.21
C GLU C 197 -7.86 -15.79 46.00
N ASP C 198 -6.63 -15.86 45.50
CA ASP C 198 -6.30 -16.80 44.43
C ASP C 198 -6.48 -18.24 44.92
N ASP C 199 -6.03 -18.52 46.14
CA ASP C 199 -6.15 -19.85 46.77
C ASP C 199 -7.60 -20.30 46.92
N LYS C 200 -8.43 -19.46 47.54
CA LYS C 200 -9.84 -19.75 47.72
C LYS C 200 -10.56 -19.99 46.39
N TRP C 201 -10.27 -19.17 45.38
CA TRP C 201 -10.86 -19.34 44.06
C TRP C 201 -10.49 -20.67 43.40
N ASN C 202 -9.21 -21.01 43.43
CA ASN C 202 -8.74 -22.32 42.95
C ASN C 202 -9.43 -23.46 43.69
N ARG C 203 -9.38 -23.45 45.02
CA ARG C 203 -10.01 -24.48 45.85
C ARG C 203 -11.46 -24.68 45.46
N ARG C 204 -12.15 -23.57 45.22
CA ARG C 204 -13.58 -23.55 44.93
C ARG C 204 -13.87 -24.20 43.59
N VAL C 205 -13.25 -23.68 42.53
CA VAL C 205 -13.50 -24.18 41.18
C VAL C 205 -12.93 -25.61 40.98
N LEU C 206 -11.90 -25.93 41.77
CA LEU C 206 -11.35 -27.28 41.82
C LEU C 206 -12.35 -28.25 42.47
N LYS C 207 -13.17 -27.74 43.38
CA LYS C 207 -14.16 -28.56 44.07
C LYS C 207 -15.37 -28.80 43.17
N LEU C 208 -15.72 -27.79 42.38
CA LEU C 208 -16.74 -27.90 41.35
C LEU C 208 -16.33 -28.89 40.25
N ILE C 209 -15.03 -29.04 40.01
CA ILE C 209 -14.55 -30.05 39.07
C ILE C 209 -14.68 -31.45 39.66
N GLU C 210 -14.33 -31.60 40.95
CA GLU C 210 -14.48 -32.86 41.68
C GLU C 210 -15.92 -33.40 41.69
N ALA C 211 -16.89 -32.51 41.88
CA ALA C 211 -18.30 -32.88 41.95
C ALA C 211 -18.93 -33.06 40.58
N GLY C 212 -18.27 -32.50 39.55
CA GLY C 212 -18.73 -32.63 38.17
C GLY C 212 -19.93 -31.77 37.84
N ASP C 213 -20.13 -30.72 38.63
CA ASP C 213 -21.20 -29.76 38.38
C ASP C 213 -20.83 -28.88 37.19
N VAL C 214 -21.08 -29.40 35.99
CA VAL C 214 -20.73 -28.73 34.74
C VAL C 214 -21.35 -27.33 34.66
N SER C 215 -22.61 -27.23 35.08
CA SER C 215 -23.40 -25.99 34.97
C SER C 215 -22.91 -24.88 35.88
N ALA C 216 -22.57 -25.22 37.13
CA ALA C 216 -22.02 -24.27 38.10
C ALA C 216 -20.60 -23.87 37.74
N LEU C 217 -19.85 -24.82 37.17
CA LEU C 217 -18.50 -24.61 36.68
C LEU C 217 -18.52 -23.65 35.51
N ARG C 218 -19.46 -23.87 34.59
CA ARG C 218 -19.61 -23.09 33.36
C ARG C 218 -19.79 -21.59 33.63
N GLU C 219 -20.51 -21.26 34.70
CA GLU C 219 -20.78 -19.85 35.05
C GLU C 219 -19.73 -19.24 35.99
N ALA C 220 -19.08 -20.09 36.79
CA ALA C 220 -17.96 -19.65 37.63
C ALA C 220 -16.71 -19.36 36.78
N MET C 221 -16.57 -20.09 35.67
CA MET C 221 -15.40 -19.97 34.79
C MET C 221 -15.05 -18.54 34.33
N PRO C 222 -16.02 -17.80 33.75
CA PRO C 222 -15.65 -16.46 33.27
C PRO C 222 -15.30 -15.46 34.39
N VAL C 223 -15.88 -15.64 35.57
CA VAL C 223 -15.59 -14.78 36.71
C VAL C 223 -14.25 -15.16 37.32
N TYR C 224 -14.05 -16.45 37.53
CA TYR C 224 -12.78 -17.00 38.05
C TYR C 224 -11.59 -16.60 37.20
N ALA C 225 -11.73 -16.71 35.88
CA ALA C 225 -10.67 -16.36 34.93
C ALA C 225 -10.21 -14.90 35.05
N LYS C 226 -11.16 -13.99 35.24
CA LYS C 226 -10.86 -12.58 35.42
C LYS C 226 -10.31 -12.30 36.82
N GLU C 227 -10.93 -12.90 37.83
CA GLU C 227 -10.61 -12.57 39.22
C GLU C 227 -9.31 -13.20 39.72
N ALA C 228 -8.90 -14.31 39.12
CA ALA C 228 -7.69 -15.00 39.54
C ALA C 228 -6.56 -14.95 38.48
N ARG C 229 -6.79 -14.17 37.42
CA ARG C 229 -5.85 -14.07 36.29
C ARG C 229 -5.47 -15.46 35.78
N VAL C 230 -6.47 -16.31 35.62
CA VAL C 230 -6.26 -17.70 35.23
C VAL C 230 -5.60 -17.78 33.86
N ASP C 231 -4.57 -18.63 33.81
CA ASP C 231 -3.81 -18.92 32.60
C ASP C 231 -4.71 -19.01 31.36
N MET C 232 -4.68 -17.94 30.57
CA MET C 232 -5.35 -17.87 29.26
C MET C 232 -6.86 -18.10 29.32
N GLY C 233 -7.52 -17.51 30.31
CA GLY C 233 -8.97 -17.61 30.47
C GLY C 233 -9.51 -19.02 30.64
N PHE C 234 -8.65 -19.95 31.07
CA PHE C 234 -9.06 -21.34 31.37
C PHE C 234 -9.47 -22.14 30.12
N LYS C 235 -9.01 -21.67 28.95
CA LYS C 235 -9.32 -22.33 27.67
C LYS C 235 -8.85 -23.79 27.58
N HIS C 236 -7.83 -24.13 28.36
CA HIS C 236 -7.38 -25.51 28.48
C HIS C 236 -8.33 -26.43 29.26
N LEU C 237 -9.35 -25.84 29.90
CA LEU C 237 -10.46 -26.62 30.45
C LEU C 237 -11.61 -26.70 29.44
N HIS C 238 -11.86 -25.60 28.74
CA HIS C 238 -12.83 -25.59 27.65
C HIS C 238 -12.49 -26.70 26.66
N TRP C 239 -11.20 -26.88 26.39
CA TRP C 239 -10.69 -27.98 25.58
C TRP C 239 -11.24 -29.33 26.08
N ILE C 240 -11.10 -29.57 27.39
CA ILE C 240 -11.53 -30.84 27.98
C ILE C 240 -13.05 -30.98 27.96
N LEU C 241 -13.77 -29.89 28.26
CA LEU C 241 -15.23 -29.87 28.17
C LEU C 241 -15.74 -30.16 26.76
N GLY C 242 -15.17 -29.48 25.76
CA GLY C 242 -15.56 -29.66 24.35
C GLY C 242 -15.31 -31.06 23.84
N ALA C 243 -14.20 -31.65 24.29
CA ALA C 243 -13.83 -33.02 23.95
C ALA C 243 -14.82 -34.04 24.50
N LEU C 244 -15.38 -33.73 25.66
CA LEU C 244 -16.39 -34.57 26.30
C LEU C 244 -17.79 -34.05 25.98
N LYS C 245 -17.86 -33.15 25.00
CA LYS C 245 -19.11 -32.48 24.61
C LYS C 245 -19.98 -32.07 25.82
N GLY C 246 -19.41 -31.22 26.68
CA GLY C 246 -20.10 -30.62 27.82
C GLY C 246 -20.77 -31.58 28.79
N LYS C 247 -20.10 -32.69 29.10
CA LYS C 247 -20.66 -33.72 29.97
C LYS C 247 -19.57 -34.60 30.56
N PHE C 248 -19.55 -34.68 31.90
CA PHE C 248 -18.68 -35.61 32.63
C PHE C 248 -19.20 -35.87 34.05
N SER C 249 -18.91 -37.06 34.57
CA SER C 249 -19.40 -37.49 35.88
C SER C 249 -18.76 -36.71 37.02
N GLY C 250 -17.55 -37.11 37.43
CA GLY C 250 -16.82 -36.44 38.50
C GLY C 250 -15.40 -36.10 38.09
N ALA C 251 -14.50 -36.05 39.07
CA ALA C 251 -13.09 -35.78 38.81
C ALA C 251 -12.24 -35.96 40.07
N ASN C 252 -10.95 -36.13 39.85
CA ASN C 252 -10.01 -36.51 40.90
C ASN C 252 -8.79 -35.59 40.90
N VAL C 253 -8.50 -34.98 42.05
CA VAL C 253 -7.41 -34.01 42.12
C VAL C 253 -6.17 -34.62 42.77
N LEU C 254 -5.18 -34.93 41.95
CA LEU C 254 -3.98 -35.63 42.40
C LEU C 254 -2.94 -34.69 42.97
N GLY C 255 -3.03 -33.41 42.59
CA GLY C 255 -2.06 -32.41 43.05
C GLY C 255 -2.51 -30.98 42.90
N TYR C 256 -2.13 -30.15 43.87
CA TYR C 256 -2.39 -28.72 43.83
C TYR C 256 -1.34 -28.01 44.66
N GLY C 257 -0.55 -27.17 44.00
CA GLY C 257 0.49 -26.42 44.68
C GLY C 257 0.84 -25.15 43.96
N PRO C 258 1.95 -24.51 44.37
CA PRO C 258 2.30 -23.25 43.74
C PRO C 258 3.35 -23.38 42.65
N SER C 259 3.35 -22.42 41.74
CA SER C 259 4.40 -22.28 40.75
C SER C 259 4.78 -20.80 40.65
N TYR C 260 5.63 -20.36 41.57
CA TYR C 260 6.08 -18.98 41.64
C TYR C 260 4.90 -18.01 41.84
N GLY C 261 4.07 -18.33 42.82
CA GLY C 261 2.87 -17.55 43.12
C GLY C 261 1.66 -17.99 42.33
N SER C 262 1.92 -18.69 41.22
CA SER C 262 0.86 -19.18 40.35
C SER C 262 0.27 -20.47 40.90
N GLY C 263 -0.99 -20.70 40.57
CA GLY C 263 -1.65 -21.93 40.93
C GLY C 263 -1.46 -22.98 39.85
N ALA C 264 -1.13 -24.20 40.30
CA ALA C 264 -0.96 -25.34 39.41
C ALA C 264 -1.67 -26.54 40.02
N ALA C 265 -2.23 -27.40 39.16
CA ALA C 265 -2.96 -28.57 39.63
C ALA C 265 -2.97 -29.72 38.62
N VAL C 266 -3.01 -30.95 39.12
CA VAL C 266 -3.22 -32.13 38.27
C VAL C 266 -4.60 -32.74 38.52
N ILE C 267 -5.40 -32.82 37.47
CA ILE C 267 -6.76 -33.37 37.57
C ILE C 267 -7.01 -34.55 36.64
N GLU C 268 -7.36 -35.68 37.22
CA GLU C 268 -7.84 -36.85 36.47
C GLU C 268 -9.35 -36.79 36.39
N PHE C 269 -9.89 -36.92 35.19
CA PHE C 269 -11.33 -36.82 35.00
C PHE C 269 -12.05 -38.17 34.98
N ARG C 270 -13.07 -38.28 35.83
CA ARG C 270 -13.96 -39.44 35.82
C ARG C 270 -15.04 -39.18 34.79
N LEU C 271 -14.96 -39.91 33.69
CA LEU C 271 -15.85 -39.72 32.53
C LEU C 271 -17.33 -39.85 32.89
N MET D 1 38.23 7.65 28.53
CA MET D 1 37.23 6.80 27.80
C MET D 1 35.81 7.15 28.22
N GLN D 2 35.10 7.87 27.35
CA GLN D 2 33.73 8.29 27.64
C GLN D 2 32.71 7.66 26.68
N GLY D 3 31.50 7.44 27.20
CA GLY D 3 30.46 6.72 26.49
C GLY D 3 29.67 7.55 25.50
N GLU D 4 29.06 6.87 24.53
CA GLU D 4 28.29 7.52 23.48
C GLU D 4 27.07 6.71 23.06
N ILE D 5 25.94 7.39 22.96
CA ILE D 5 24.78 6.86 22.24
C ILE D 5 24.70 7.58 20.89
N ILE D 6 25.37 7.02 19.88
CA ILE D 6 25.40 7.61 18.55
C ILE D 6 23.99 7.95 18.05
N ALA D 7 23.11 6.96 18.07
CA ALA D 7 21.74 7.14 17.58
C ALA D 7 20.78 6.07 18.09
N GLY D 8 19.48 6.37 18.03
CA GLY D 8 18.43 5.42 18.27
C GLY D 8 17.58 5.24 17.03
N PHE D 9 17.29 3.99 16.69
CA PHE D 9 16.43 3.69 15.55
C PHE D 9 15.11 3.10 15.98
N LEU D 10 14.03 3.50 15.30
CA LEU D 10 12.81 2.71 15.33
C LEU D 10 12.98 1.69 14.24
N ALA D 11 13.10 0.42 14.62
CA ALA D 11 13.45 -0.65 13.71
C ALA D 11 12.51 -1.85 13.84
N PRO D 12 11.38 -1.81 13.12
CA PRO D 12 10.37 -2.88 13.20
C PRO D 12 10.90 -4.22 12.72
N HIS D 13 10.21 -5.29 13.09
CA HIS D 13 10.71 -6.64 12.92
C HIS D 13 9.76 -7.64 12.22
N PRO D 14 8.86 -7.15 11.32
CA PRO D 14 8.08 -8.18 10.66
C PRO D 14 8.99 -9.12 9.89
N PRO D 15 8.87 -10.43 10.14
CA PRO D 15 9.74 -11.46 9.54
C PRO D 15 9.66 -11.53 8.02
N HIS D 16 8.59 -10.98 7.45
CA HIS D 16 8.42 -10.95 6.00
C HIS D 16 9.51 -10.12 5.34
N LEU D 17 10.04 -9.14 6.06
CA LEU D 17 11.11 -8.28 5.58
C LEU D 17 12.39 -9.07 5.32
N VAL D 18 12.73 -9.98 6.22
CA VAL D 18 13.88 -10.85 6.00
C VAL D 18 13.53 -11.90 4.96
N TYR D 19 12.28 -12.36 5.00
CA TYR D 19 11.76 -13.29 4.00
C TYR D 19 11.89 -12.71 2.60
N GLY D 20 11.56 -11.43 2.47
CA GLY D 20 11.69 -10.71 1.21
C GLY D 20 13.12 -10.57 0.69
N GLU D 21 14.08 -10.55 1.60
CA GLU D 21 15.49 -10.37 1.23
C GLU D 21 16.17 -11.60 0.63
N ASN D 22 15.59 -12.78 0.89
CA ASN D 22 16.21 -14.06 0.52
C ASN D 22 17.69 -14.20 0.91
N PRO D 23 18.02 -14.04 2.21
CA PRO D 23 19.39 -14.20 2.67
C PRO D 23 19.76 -15.68 2.83
N PRO D 24 21.07 -16.00 2.94
CA PRO D 24 21.52 -17.38 3.13
C PRO D 24 21.02 -18.00 4.44
N GLN D 25 20.93 -17.17 5.49
CA GLN D 25 20.47 -17.58 6.81
C GLN D 25 19.03 -18.11 6.79
N ASN D 26 18.17 -17.45 6.03
CA ASN D 26 16.76 -17.82 5.98
C ASN D 26 16.52 -18.93 4.96
N GLU D 27 15.87 -20.00 5.40
CA GLU D 27 15.62 -21.18 4.56
C GLU D 27 14.63 -20.95 3.39
N PRO D 28 13.38 -20.48 3.68
CA PRO D 28 12.39 -20.36 2.60
C PRO D 28 12.71 -19.30 1.56
N ARG D 29 12.34 -19.58 0.31
CA ARG D 29 12.56 -18.66 -0.80
C ARG D 29 11.33 -17.79 -1.05
N SER D 30 11.58 -16.51 -1.35
CA SER D 30 10.52 -15.59 -1.73
C SER D 30 10.73 -15.07 -3.16
N GLN D 31 9.71 -14.38 -3.68
CA GLN D 31 9.77 -13.75 -4.98
C GLN D 31 9.99 -12.25 -4.82
N GLY D 32 10.44 -11.87 -3.62
CA GLY D 32 10.59 -10.46 -3.26
C GLY D 32 9.58 -10.08 -2.20
N GLY D 33 9.26 -8.79 -2.14
CA GLY D 33 8.23 -8.31 -1.25
C GLY D 33 8.65 -7.13 -0.40
N TRP D 34 7.65 -6.33 0.02
CA TRP D 34 7.82 -5.22 0.96
C TRP D 34 9.06 -4.38 0.65
N GLU D 35 9.27 -4.13 -0.64
CA GLU D 35 10.47 -3.47 -1.14
C GLU D 35 10.57 -2.04 -0.64
N VAL D 36 9.43 -1.38 -0.46
CA VAL D 36 9.38 -0.04 0.13
C VAL D 36 10.03 -0.05 1.52
N LEU D 37 9.59 -0.98 2.37
CA LEU D 37 10.12 -1.07 3.74
C LEU D 37 11.57 -1.53 3.76
N ARG D 38 11.94 -2.37 2.80
CA ARG D 38 13.31 -2.82 2.67
C ARG D 38 14.23 -1.69 2.20
N TRP D 39 13.71 -0.85 1.29
CA TRP D 39 14.47 0.30 0.83
C TRP D 39 14.63 1.32 1.95
N ALA D 40 13.70 1.32 2.89
CA ALA D 40 13.83 2.08 4.12
C ALA D 40 15.02 1.56 4.91
N TYR D 41 15.12 0.24 5.01
CA TYR D 41 16.21 -0.42 5.73
C TYR D 41 17.53 -0.42 4.96
N GLU D 42 17.50 0.05 3.72
CA GLU D 42 18.72 0.27 2.96
C GLU D 42 19.38 1.52 3.51
N ARG D 43 18.56 2.53 3.79
CA ARG D 43 19.02 3.81 4.30
C ARG D 43 19.39 3.75 5.78
N ALA D 44 18.81 2.77 6.47
CA ALA D 44 19.15 2.49 7.85
C ALA D 44 20.54 1.86 7.91
N ARG D 45 20.76 0.87 7.05
CA ARG D 45 22.02 0.10 6.99
C ARG D 45 23.27 0.95 6.79
N GLU D 46 23.19 1.90 5.86
CA GLU D 46 24.34 2.75 5.52
C GLU D 46 24.54 3.90 6.50
N ARG D 47 23.45 4.30 7.17
CA ARG D 47 23.53 5.31 8.21
C ARG D 47 24.21 4.72 9.43
N LEU D 48 23.99 3.43 9.64
CA LEU D 48 24.62 2.69 10.73
C LEU D 48 26.08 2.44 10.40
N ASP D 49 26.36 2.04 9.16
CA ASP D 49 27.71 1.68 8.74
C ASP D 49 28.68 2.85 8.89
N ALA D 50 28.18 4.07 8.69
CA ALA D 50 28.96 5.29 8.87
C ALA D 50 29.05 5.76 10.34
N MET D 51 28.65 4.90 11.28
CA MET D 51 28.74 5.21 12.70
C MET D 51 29.86 4.43 13.40
N LYS D 52 30.14 3.23 12.89
CA LYS D 52 31.12 2.30 13.47
C LYS D 52 30.99 2.16 15.00
N PRO D 53 29.87 1.55 15.47
CA PRO D 53 29.66 1.48 16.92
C PRO D 53 30.24 0.21 17.53
N ASP D 54 30.49 0.24 18.84
CA ASP D 54 30.99 -0.92 19.56
C ASP D 54 29.90 -1.98 19.70
N VAL D 55 28.67 -1.53 19.99
CA VAL D 55 27.59 -2.43 20.34
C VAL D 55 26.22 -1.94 19.85
N LEU D 56 25.36 -2.88 19.45
CA LEU D 56 23.94 -2.57 19.22
C LEU D 56 23.11 -3.13 20.37
N LEU D 57 22.27 -2.28 20.96
CA LEU D 57 21.34 -2.71 21.98
C LEU D 57 19.96 -2.84 21.38
N VAL D 58 19.26 -3.91 21.70
CA VAL D 58 17.91 -4.11 21.17
C VAL D 58 16.92 -4.67 22.21
N HIS D 59 15.78 -4.00 22.32
CA HIS D 59 14.69 -4.37 23.22
C HIS D 59 13.59 -5.01 22.36
N SER D 60 13.35 -6.30 22.54
CA SER D 60 12.43 -7.04 21.66
C SER D 60 11.11 -7.44 22.32
N PRO D 61 9.97 -7.15 21.65
CA PRO D 61 8.66 -7.56 22.13
C PRO D 61 8.45 -9.07 22.18
N HIS D 62 9.31 -9.83 21.52
CA HIS D 62 9.08 -11.28 21.42
C HIS D 62 9.97 -12.16 22.30
N TRP D 63 10.54 -11.54 23.32
CA TRP D 63 11.14 -12.27 24.43
C TRP D 63 10.49 -11.72 25.69
N ILE D 64 9.33 -12.29 26.01
CA ILE D 64 8.47 -11.82 27.09
C ILE D 64 8.88 -12.53 28.39
N THR D 65 9.18 -11.75 29.41
CA THR D 65 9.55 -12.28 30.73
C THR D 65 8.60 -11.77 31.82
N SER D 66 8.30 -12.62 32.79
CA SER D 66 7.36 -12.28 33.86
C SER D 66 8.08 -11.68 35.06
N VAL D 67 9.26 -12.22 35.36
CA VAL D 67 10.01 -11.82 36.53
C VAL D 67 11.21 -10.97 36.14
N GLY D 68 10.98 -9.68 35.96
CA GLY D 68 12.06 -8.73 35.72
C GLY D 68 12.45 -8.58 34.26
N HIS D 69 13.57 -7.88 34.06
CA HIS D 69 14.07 -7.56 32.73
C HIS D 69 15.36 -8.33 32.52
N HIS D 70 15.34 -9.24 31.56
CA HIS D 70 16.45 -10.15 31.33
C HIS D 70 17.41 -9.61 30.28
N PHE D 71 18.66 -10.07 30.32
CA PHE D 71 19.69 -9.63 29.39
C PHE D 71 20.47 -10.82 28.86
N LEU D 72 20.65 -10.89 27.55
CA LEU D 72 21.54 -11.89 26.96
C LEU D 72 22.93 -11.78 27.58
N GLY D 73 23.47 -12.92 28.01
CA GLY D 73 24.75 -12.94 28.72
C GLY D 73 25.62 -14.16 28.46
N VAL D 74 25.72 -14.52 27.19
CA VAL D 74 26.56 -15.62 26.73
C VAL D 74 27.38 -15.09 25.56
N PRO D 75 28.72 -15.27 25.59
CA PRO D 75 29.62 -14.76 24.54
C PRO D 75 29.16 -15.06 23.10
N GLU D 76 28.80 -16.31 22.84
CA GLU D 76 28.36 -16.73 21.50
C GLU D 76 27.02 -17.46 21.59
N LEU D 77 26.04 -16.97 20.86
CA LEU D 77 24.75 -17.65 20.75
C LEU D 77 24.48 -18.07 19.31
N SER D 78 24.20 -19.35 19.14
CA SER D 78 23.95 -19.93 17.83
C SER D 78 22.61 -20.67 17.87
N GLY D 79 22.02 -20.91 16.70
CA GLY D 79 20.82 -21.71 16.63
C GLY D 79 20.00 -21.50 15.39
N LYS D 80 18.84 -22.18 15.36
CA LYS D 80 17.91 -22.10 14.26
C LYS D 80 16.61 -21.51 14.80
N SER D 81 16.32 -20.27 14.42
CA SER D 81 15.13 -19.59 14.89
C SER D 81 13.98 -19.76 13.91
N VAL D 82 13.05 -20.64 14.27
CA VAL D 82 11.81 -20.82 13.55
C VAL D 82 10.71 -20.08 14.31
N ASP D 83 10.02 -19.18 13.61
CA ASP D 83 8.94 -18.40 14.20
C ASP D 83 7.68 -19.26 14.32
N PRO D 84 7.09 -19.33 15.53
CA PRO D 84 5.93 -20.18 15.78
C PRO D 84 4.68 -19.76 15.04
N ILE D 85 4.60 -18.49 14.65
CA ILE D 85 3.41 -17.96 13.98
C ILE D 85 3.60 -17.95 12.47
N PHE D 86 4.78 -17.56 12.02
CA PHE D 86 5.08 -17.49 10.59
C PHE D 86 6.23 -18.42 10.16
N PRO D 87 6.13 -19.73 10.48
CA PRO D 87 7.24 -20.63 10.15
C PRO D 87 7.44 -20.83 8.65
N ASN D 88 6.43 -20.45 7.86
CA ASN D 88 6.50 -20.55 6.42
C ASN D 88 7.41 -19.50 5.80
N VAL D 89 7.55 -18.36 6.49
CA VAL D 89 8.34 -17.25 5.96
C VAL D 89 9.67 -17.06 6.69
N PHE D 90 9.77 -17.61 7.91
CA PHE D 90 10.94 -17.35 8.75
C PHE D 90 11.50 -18.58 9.46
N ARG D 91 12.66 -19.03 9.00
CA ARG D 91 13.41 -20.13 9.61
C ARG D 91 14.90 -19.80 9.43
N TYR D 92 15.48 -19.19 10.46
CA TYR D 92 16.75 -18.47 10.32
C TYR D 92 17.85 -19.04 11.22
N ASP D 93 18.95 -19.48 10.59
CA ASP D 93 20.13 -19.95 11.32
C ASP D 93 20.96 -18.75 11.76
N PHE D 94 20.85 -18.39 13.03
CA PHE D 94 21.59 -17.25 13.54
C PHE D 94 22.88 -17.66 14.24
N SER D 95 23.81 -16.69 14.30
CA SER D 95 25.10 -16.84 14.95
C SER D 95 25.54 -15.44 15.30
N LEU D 96 25.40 -15.07 16.58
CA LEU D 96 25.74 -13.72 17.03
C LEU D 96 26.70 -13.68 18.24
N ASN D 97 27.30 -12.51 18.44
CA ASN D 97 28.21 -12.25 19.55
C ASN D 97 27.58 -11.23 20.50
N VAL D 98 27.64 -11.52 21.80
CA VAL D 98 27.05 -10.66 22.82
C VAL D 98 28.11 -9.87 23.58
N ASP D 99 27.85 -8.58 23.76
CA ASP D 99 28.65 -7.75 24.64
C ASP D 99 28.25 -8.03 26.08
N VAL D 100 28.72 -9.18 26.58
CA VAL D 100 28.35 -9.65 27.91
C VAL D 100 28.69 -8.63 29.00
N GLU D 101 29.84 -7.98 28.85
CA GLU D 101 30.28 -6.99 29.81
C GLU D 101 29.29 -5.84 29.92
N LEU D 102 28.80 -5.36 28.79
CA LEU D 102 27.80 -4.29 28.80
C LEU D 102 26.43 -4.77 29.27
N ALA D 103 26.05 -5.99 28.89
CA ALA D 103 24.79 -6.57 29.31
C ALA D 103 24.73 -6.63 30.83
N GLU D 104 25.84 -7.04 31.42
CA GLU D 104 25.93 -7.16 32.88
C GLU D 104 25.86 -5.80 33.56
N ALA D 105 26.46 -4.80 32.92
CA ALA D 105 26.46 -3.44 33.47
C ALA D 105 25.06 -2.84 33.45
N CYS D 106 24.32 -3.10 32.37
CA CYS D 106 22.90 -2.71 32.26
C CYS D 106 22.05 -3.38 33.35
N ALA D 107 22.33 -4.67 33.58
CA ALA D 107 21.60 -5.46 34.57
C ALA D 107 21.87 -4.95 35.99
N GLU D 108 23.13 -4.67 36.28
CA GLU D 108 23.54 -4.16 37.58
C GLU D 108 22.96 -2.76 37.82
N GLU D 109 23.01 -1.93 36.79
CA GLU D 109 22.42 -0.59 36.85
C GLU D 109 20.91 -0.62 37.04
N GLY D 110 20.24 -1.54 36.34
CA GLY D 110 18.81 -1.75 36.49
C GLY D 110 18.46 -2.21 37.89
N ARG D 111 19.24 -3.19 38.39
CA ARG D 111 19.09 -3.67 39.75
C ARG D 111 19.23 -2.53 40.75
N LYS D 112 20.30 -1.74 40.61
CA LYS D 112 20.57 -0.59 41.47
C LYS D 112 19.42 0.42 41.49
N ALA D 113 18.70 0.52 40.36
CA ALA D 113 17.70 1.56 40.18
C ALA D 113 16.31 1.15 40.64
N GLY D 114 16.18 -0.07 41.13
CA GLY D 114 14.90 -0.53 41.67
C GLY D 114 14.23 -1.63 40.87
N LEU D 115 14.81 -1.99 39.73
CA LEU D 115 14.23 -3.02 38.87
C LEU D 115 14.78 -4.41 39.21
N VAL D 116 14.00 -5.44 38.89
CA VAL D 116 14.51 -6.79 39.05
C VAL D 116 15.08 -7.22 37.70
N THR D 117 16.35 -7.65 37.71
CA THR D 117 17.03 -8.04 36.48
C THR D 117 17.71 -9.40 36.57
N LYS D 118 17.89 -10.04 35.41
CA LYS D 118 18.53 -11.35 35.35
C LYS D 118 19.38 -11.49 34.11
N MET D 119 20.50 -12.17 34.25
CA MET D 119 21.37 -12.46 33.11
C MET D 119 21.06 -13.82 32.52
N MET D 120 20.86 -13.87 31.21
CA MET D 120 20.56 -15.12 30.50
C MET D 120 21.87 -15.82 30.16
N ARG D 121 22.22 -16.84 30.94
CA ARG D 121 23.53 -17.48 30.86
C ARG D 121 23.47 -18.89 30.23
N ASN D 122 22.30 -19.24 29.70
CA ASN D 122 22.09 -20.56 29.13
C ASN D 122 22.51 -20.63 27.66
N PRO D 123 23.56 -21.43 27.35
CA PRO D 123 24.17 -21.48 26.01
C PRO D 123 23.27 -22.01 24.90
N LYS D 124 22.17 -22.67 25.25
CA LYS D 124 21.27 -23.27 24.24
C LYS D 124 20.04 -22.41 23.93
N PHE D 125 20.01 -21.19 24.46
CA PHE D 125 18.86 -20.30 24.31
C PHE D 125 18.50 -20.00 22.86
N ARG D 126 17.21 -20.03 22.57
CA ARG D 126 16.70 -19.75 21.23
C ARG D 126 16.25 -18.30 21.13
N VAL D 127 17.04 -17.49 20.41
CA VAL D 127 16.80 -16.06 20.28
C VAL D 127 15.56 -15.78 19.41
N ASP D 128 14.68 -14.94 19.95
CA ASP D 128 13.40 -14.60 19.30
C ASP D 128 13.57 -14.01 17.91
N TYR D 129 12.51 -14.08 17.11
CA TYR D 129 12.50 -13.63 15.74
C TYR D 129 12.52 -12.11 15.60
N GLY D 130 12.09 -11.42 16.65
CA GLY D 130 12.08 -9.96 16.62
C GLY D 130 13.48 -9.43 16.74
N THR D 131 14.28 -10.06 17.60
CA THR D 131 15.66 -9.67 17.82
C THR D 131 16.49 -10.02 16.60
N ILE D 132 16.38 -11.28 16.16
CA ILE D 132 17.06 -11.76 14.96
C ILE D 132 16.74 -10.92 13.72
N THR D 133 15.48 -10.48 13.60
CA THR D 133 15.00 -9.76 12.41
C THR D 133 15.49 -8.32 12.35
N THR D 134 15.18 -7.53 13.40
CA THR D 134 15.62 -6.14 13.50
C THR D 134 17.11 -6.00 13.22
N LEU D 135 17.91 -6.87 13.84
CA LEU D 135 19.36 -6.85 13.70
C LEU D 135 19.80 -7.13 12.26
N HIS D 136 19.25 -8.18 11.66
CA HIS D 136 19.59 -8.54 10.28
C HIS D 136 19.15 -7.49 9.26
N LEU D 137 18.11 -6.74 9.58
CA LEU D 137 17.62 -5.70 8.69
C LEU D 137 18.47 -4.44 8.74
N ILE D 138 19.05 -4.14 9.90
CA ILE D 138 19.89 -2.96 10.04
C ILE D 138 21.40 -3.25 9.88
N ARG D 139 21.78 -4.53 9.93
CA ARG D 139 23.18 -4.91 9.88
C ARG D 139 23.33 -6.39 9.55
N PRO D 140 23.11 -6.77 8.28
CA PRO D 140 23.15 -8.17 7.86
C PRO D 140 24.54 -8.79 7.93
N GLN D 141 25.57 -7.95 8.10
CA GLN D 141 26.95 -8.40 8.17
C GLN D 141 27.19 -9.32 9.37
N TRP D 142 26.38 -9.17 10.40
CA TRP D 142 26.47 -9.96 11.63
C TRP D 142 27.83 -9.79 12.30
N ASP D 143 28.29 -8.55 12.39
CA ASP D 143 29.61 -8.30 12.95
C ASP D 143 29.60 -7.51 14.26
N ILE D 144 28.83 -6.43 14.33
CA ILE D 144 28.74 -5.62 15.56
C ILE D 144 28.20 -6.47 16.72
N PRO D 145 28.84 -6.39 17.91
CA PRO D 145 28.31 -7.07 19.08
C PRO D 145 26.98 -6.49 19.52
N VAL D 146 26.22 -7.30 20.24
CA VAL D 146 24.85 -6.96 20.60
C VAL D 146 24.55 -7.22 22.08
N VAL D 147 23.64 -6.41 22.61
CA VAL D 147 22.97 -6.72 23.87
C VAL D 147 21.47 -6.90 23.60
N GLY D 148 20.99 -8.13 23.76
CA GLY D 148 19.56 -8.42 23.65
C GLY D 148 18.88 -8.23 24.99
N ILE D 149 17.88 -7.36 25.02
CA ILE D 149 17.13 -7.06 26.24
C ILE D 149 15.70 -7.58 26.09
N SER D 150 15.22 -8.30 27.11
CA SER D 150 13.86 -8.85 27.09
C SER D 150 12.83 -7.76 27.35
N ALA D 151 11.60 -8.01 26.93
CA ALA D 151 10.51 -7.10 27.25
C ALA D 151 9.71 -7.59 28.44
N ASN D 152 9.89 -6.91 29.57
CA ASN D 152 9.12 -7.24 30.76
C ASN D 152 7.61 -7.06 30.60
N ASN D 153 6.89 -7.96 31.27
CA ASN D 153 5.44 -8.09 31.29
C ASN D 153 4.66 -6.85 31.73
N SER D 154 5.29 -6.03 32.56
CA SER D 154 4.60 -4.96 33.29
C SER D 154 3.50 -4.16 32.57
N PRO D 155 3.71 -3.77 31.29
CA PRO D 155 2.69 -2.94 30.64
C PRO D 155 1.38 -3.69 30.40
N TYR D 156 1.47 -5.02 30.26
CA TYR D 156 0.28 -5.85 30.08
C TYR D 156 -0.29 -6.38 31.39
N TYR D 157 0.60 -6.73 32.33
CA TYR D 157 0.19 -7.38 33.57
C TYR D 157 -0.29 -6.37 34.61
N LEU D 158 0.44 -5.27 34.76
CA LEU D 158 0.03 -4.22 35.68
C LEU D 158 -0.95 -3.30 34.93
N ASN D 159 -0.39 -2.35 34.18
CA ASN D 159 -1.15 -1.48 33.25
C ASN D 159 -0.13 -0.64 32.48
N THR D 160 -0.61 0.14 31.51
CA THR D 160 0.29 0.88 30.60
C THR D 160 1.19 1.91 31.32
N LYS D 161 0.61 2.67 32.26
CA LYS D 161 1.38 3.70 32.97
C LYS D 161 2.52 3.11 33.80
N GLU D 162 2.22 2.09 34.58
CA GLU D 162 3.24 1.41 35.40
C GLU D 162 4.29 0.71 34.54
N GLY D 163 3.86 0.10 33.44
CA GLY D 163 4.78 -0.58 32.51
C GLY D 163 5.75 0.38 31.86
N MET D 164 5.22 1.49 31.36
CA MET D 164 6.02 2.55 30.75
C MET D 164 7.04 3.12 31.74
N SER D 165 6.59 3.35 32.96
CA SER D 165 7.46 3.83 34.02
C SER D 165 8.64 2.87 34.27
N GLU D 166 8.36 1.58 34.36
CA GLU D 166 9.40 0.56 34.49
C GLU D 166 10.37 0.60 33.31
N MET D 167 9.81 0.84 32.13
CA MET D 167 10.56 0.84 30.88
C MET D 167 11.45 2.08 30.78
N ASP D 168 10.98 3.15 31.41
CA ASP D 168 11.71 4.41 31.48
C ASP D 168 12.94 4.28 32.39
N VAL D 169 12.74 3.74 33.59
CA VAL D 169 13.83 3.42 34.50
C VAL D 169 14.88 2.54 33.81
N LEU D 170 14.42 1.55 33.04
CA LEU D 170 15.33 0.67 32.30
C LEU D 170 16.18 1.48 31.30
N GLY D 171 15.54 2.45 30.63
CA GLY D 171 16.23 3.35 29.71
C GLY D 171 17.32 4.17 30.38
N LYS D 172 16.95 4.80 31.51
CA LYS D 172 17.89 5.62 32.29
C LYS D 172 19.07 4.78 32.77
N ALA D 173 18.77 3.55 33.19
CA ALA D 173 19.79 2.61 33.65
C ALA D 173 20.69 2.14 32.52
N THR D 174 20.13 2.08 31.32
CA THR D 174 20.89 1.68 30.14
C THR D 174 21.90 2.77 29.77
N ARG D 175 21.46 4.02 29.85
CA ARG D 175 22.31 5.17 29.64
C ARG D 175 23.52 5.06 30.57
N GLU D 176 23.24 4.90 31.86
CA GLU D 176 24.26 4.77 32.91
C GLU D 176 25.25 3.63 32.64
N ALA D 177 24.74 2.50 32.18
CA ALA D 177 25.58 1.39 31.81
C ALA D 177 26.53 1.73 30.66
N ILE D 178 26.01 2.44 29.65
CA ILE D 178 26.84 2.86 28.52
C ILE D 178 27.95 3.81 29.01
N ARG D 179 27.58 4.82 29.78
CA ARG D 179 28.55 5.82 30.25
C ARG D 179 29.61 5.28 31.20
N LYS D 180 29.21 4.44 32.15
CA LYS D 180 30.16 3.84 33.10
C LYS D 180 31.16 2.92 32.41
N THR D 181 30.77 2.39 31.25
CA THR D 181 31.63 1.46 30.50
C THR D 181 32.29 2.09 29.27
N GLY D 182 31.95 3.35 28.98
CA GLY D 182 32.52 4.07 27.85
C GLY D 182 32.32 3.38 26.50
N ARG D 183 31.13 2.83 26.30
CA ARG D 183 30.77 2.16 25.06
C ARG D 183 30.25 3.15 24.03
N LYS D 184 30.53 2.87 22.76
CA LYS D 184 29.88 3.57 21.64
C LYS D 184 28.73 2.71 21.17
N ALA D 185 27.52 3.08 21.60
CA ALA D 185 26.33 2.25 21.45
C ALA D 185 25.28 2.84 20.51
N VAL D 186 24.58 1.94 19.82
CA VAL D 186 23.40 2.34 19.06
C VAL D 186 22.20 1.59 19.65
N LEU D 187 21.15 2.35 19.97
CA LEU D 187 19.91 1.78 20.49
C LEU D 187 18.97 1.33 19.38
N LEU D 188 18.33 0.18 19.56
CA LEU D 188 17.36 -0.34 18.58
C LEU D 188 16.01 -0.69 19.20
N ALA D 189 15.04 0.19 19.03
CA ALA D 189 13.66 -0.10 19.44
C ALA D 189 12.98 -0.95 18.36
N SER D 190 12.85 -2.25 18.65
CA SER D 190 12.26 -3.19 17.70
C SER D 190 10.74 -3.20 17.84
N ASN D 191 10.10 -2.09 17.49
CA ASN D 191 8.65 -1.91 17.64
C ASN D 191 7.95 -1.58 16.34
N THR D 192 6.81 -2.21 16.10
CA THR D 192 5.93 -1.82 15.02
C THR D 192 4.88 -0.86 15.60
N LEU D 193 4.08 -0.28 14.71
CA LEU D 193 3.03 0.63 15.14
C LEU D 193 1.66 -0.08 15.15
N SER D 194 0.63 0.51 14.53
CA SER D 194 -0.73 -0.05 14.56
C SER D 194 -0.78 -1.55 14.24
N HIS D 195 -1.30 -2.34 15.18
CA HIS D 195 -1.27 -3.80 15.11
C HIS D 195 -2.65 -4.42 14.88
N TRP D 196 -3.69 -3.57 14.91
CA TRP D 196 -5.05 -3.98 14.52
C TRP D 196 -4.95 -4.54 13.11
N HIS D 197 -5.32 -5.81 12.92
CA HIS D 197 -5.08 -6.44 11.63
C HIS D 197 -6.21 -7.35 11.10
N PHE D 198 -6.06 -7.74 9.83
CA PHE D 198 -6.90 -8.75 9.19
C PHE D 198 -6.29 -10.14 9.34
N HIS D 199 -7.13 -11.16 9.23
CA HIS D 199 -6.71 -12.55 9.42
C HIS D 199 -6.48 -13.27 8.10
N GLU D 200 -6.39 -12.50 7.01
CA GLU D 200 -6.24 -13.06 5.67
C GLU D 200 -4.79 -13.03 5.16
N GLU D 201 -4.18 -14.22 5.14
CA GLU D 201 -2.85 -14.44 4.59
C GLU D 201 -2.98 -14.89 3.12
N PRO D 202 -2.50 -14.05 2.17
CA PRO D 202 -2.64 -14.41 0.76
C PRO D 202 -1.91 -15.70 0.40
N THR D 203 -2.46 -16.45 -0.55
CA THR D 203 -1.92 -17.76 -0.95
C THR D 203 -0.41 -17.67 -1.18
N ILE D 204 0.02 -16.63 -1.88
CA ILE D 204 1.44 -16.31 -2.03
C ILE D 204 1.73 -14.98 -1.30
N PRO D 205 2.38 -15.05 -0.13
CA PRO D 205 2.53 -13.93 0.81
C PRO D 205 3.07 -12.63 0.21
N GLU D 206 4.07 -12.71 -0.66
CA GLU D 206 4.72 -11.53 -1.24
C GLU D 206 3.82 -10.69 -2.15
N ASP D 207 2.61 -11.19 -2.44
CA ASP D 207 1.66 -10.50 -3.32
C ASP D 207 1.35 -9.12 -2.74
N MET D 208 2.05 -8.11 -3.25
CA MET D 208 1.99 -6.76 -2.70
C MET D 208 0.69 -6.04 -3.01
N SER D 209 -0.04 -6.55 -4.00
CA SER D 209 -1.37 -6.04 -4.32
C SER D 209 -2.40 -6.46 -3.28
N LYS D 210 -1.97 -7.28 -2.31
CA LYS D 210 -2.82 -7.72 -1.21
C LYS D 210 -2.38 -7.06 0.10
N GLU D 211 -1.38 -6.20 -0.01
CA GLU D 211 -0.84 -5.48 1.15
C GLU D 211 -1.37 -4.05 1.21
N TYR D 212 -1.93 -3.68 2.35
CA TYR D 212 -2.50 -2.36 2.60
C TYR D 212 -2.82 -2.21 4.08
N PRO D 213 -2.97 -0.96 4.57
CA PRO D 213 -3.35 -0.74 5.96
C PRO D 213 -4.63 -1.50 6.34
N ALA D 214 -4.68 -1.98 7.56
CA ALA D 214 -5.79 -2.82 7.99
C ALA D 214 -7.03 -1.98 8.25
N THR D 215 -6.84 -0.83 8.87
CA THR D 215 -7.93 0.11 9.09
C THR D 215 -7.43 1.48 8.70
N MET D 216 -8.34 2.32 8.22
CA MET D 216 -8.04 3.71 7.90
C MET D 216 -7.53 4.46 9.12
N ALA D 217 -8.20 4.27 10.26
CA ALA D 217 -7.84 4.90 11.53
C ALA D 217 -6.46 4.48 12.01
N GLY D 218 -6.11 3.21 11.75
CA GLY D 218 -4.79 2.69 12.07
C GLY D 218 -3.72 3.50 11.38
N TYR D 219 -3.83 3.59 10.05
CA TYR D 219 -2.95 4.43 9.22
C TYR D 219 -2.92 5.88 9.69
N GLN D 220 -4.09 6.49 9.87
CA GLN D 220 -4.15 7.88 10.36
C GLN D 220 -3.41 8.07 11.69
N TRP D 221 -3.63 7.17 12.64
CA TRP D 221 -2.88 7.19 13.90
C TRP D 221 -1.38 7.10 13.67
N ASP D 222 -0.94 6.16 12.82
CA ASP D 222 0.47 6.01 12.50
C ASP D 222 1.08 7.27 11.91
N ILE D 223 0.32 7.92 11.03
CA ILE D 223 0.77 9.16 10.37
C ILE D 223 0.90 10.32 11.35
N ARG D 224 -0.15 10.56 12.12
CA ARG D 224 -0.13 11.64 13.11
C ARG D 224 1.09 11.55 14.03
N MET D 225 1.42 10.33 14.44
CA MET D 225 2.52 10.09 15.38
C MET D 225 3.87 10.33 14.73
N ILE D 226 4.15 9.68 13.60
CA ILE D 226 5.44 9.82 12.93
C ILE D 226 5.64 11.22 12.36
N GLU D 227 4.53 11.92 12.10
CA GLU D 227 4.58 13.31 11.68
C GLU D 227 4.99 14.22 12.83
N LEU D 228 4.54 13.87 14.04
CA LEU D 228 5.00 14.57 15.25
C LEU D 228 6.46 14.26 15.54
N MET D 229 6.89 13.05 15.20
CA MET D 229 8.26 12.61 15.43
C MET D 229 9.27 13.35 14.56
N ARG D 230 9.00 13.43 13.25
CA ARG D 230 9.87 14.15 12.33
C ARG D 230 9.78 15.66 12.51
N GLN D 231 8.86 16.08 13.36
CA GLN D 231 8.69 17.48 13.72
C GLN D 231 9.62 17.84 14.87
N GLY D 232 10.06 16.83 15.61
CA GLY D 232 10.84 17.02 16.82
C GLY D 232 10.00 17.33 18.05
N LYS D 233 8.71 17.03 17.97
CA LYS D 233 7.78 17.28 19.07
C LYS D 233 7.66 16.05 20.00
N THR D 234 8.82 15.60 20.50
CA THR D 234 8.96 14.38 21.28
C THR D 234 8.03 14.32 22.49
N SER D 235 7.95 15.41 23.24
CA SER D 235 7.07 15.47 24.41
C SER D 235 5.62 15.17 24.03
N GLU D 236 5.23 15.59 22.83
CA GLU D 236 3.85 15.52 22.39
C GLU D 236 3.44 14.11 21.92
N VAL D 237 4.38 13.38 21.34
CA VAL D 237 4.16 11.97 21.02
C VAL D 237 4.00 11.15 22.31
N PHE D 238 4.82 11.46 23.30
CA PHE D 238 4.79 10.74 24.57
C PHE D 238 3.61 11.12 25.44
N LYS D 239 3.00 12.26 25.14
CA LYS D 239 1.73 12.65 25.74
C LYS D 239 0.60 11.88 25.08
N LEU D 240 0.79 11.56 23.80
CA LEU D 240 -0.24 10.89 23.01
C LEU D 240 -0.09 9.38 22.97
N LEU D 241 1.03 8.88 23.50
CA LEU D 241 1.32 7.46 23.47
C LEU D 241 0.25 6.57 24.14
N PRO D 242 -0.22 6.93 25.36
CA PRO D 242 -1.30 6.13 25.94
C PRO D 242 -2.52 5.98 25.01
N GLN D 243 -2.99 7.08 24.44
CA GLN D 243 -4.13 7.04 23.54
C GLN D 243 -3.80 6.32 22.24
N PHE D 244 -2.57 6.47 21.78
CA PHE D 244 -2.08 5.78 20.59
C PHE D 244 -2.08 4.26 20.78
N ILE D 245 -1.62 3.80 21.96
CA ILE D 245 -1.71 2.39 22.34
C ILE D 245 -3.16 1.93 22.26
N ASP D 246 -4.03 2.60 23.03
CA ASP D 246 -5.43 2.20 23.21
C ASP D 246 -6.24 2.05 21.94
N GLU D 247 -6.00 2.94 20.97
CA GLU D 247 -6.85 3.04 19.77
C GLU D 247 -6.23 2.45 18.50
N ALA D 248 -4.90 2.43 18.43
CA ALA D 248 -4.23 1.84 17.26
C ALA D 248 -3.68 0.45 17.57
N PHE D 249 -3.74 0.07 18.84
CA PHE D 249 -3.21 -1.23 19.32
C PHE D 249 -1.73 -1.38 18.96
N ALA D 250 -0.97 -0.31 19.16
CA ALA D 250 0.42 -0.23 18.70
C ALA D 250 1.39 -1.04 19.58
N GLU D 251 2.38 -1.66 18.95
CA GLU D 251 3.33 -2.53 19.65
C GLU D 251 4.33 -1.76 20.52
N VAL D 252 4.36 -0.44 20.41
CA VAL D 252 5.20 0.36 21.32
C VAL D 252 4.77 0.18 22.78
N LYS D 253 3.64 -0.50 22.99
CA LYS D 253 3.18 -0.88 24.32
C LYS D 253 4.17 -1.82 24.98
N SER D 254 4.81 -2.68 24.17
CA SER D 254 5.80 -3.64 24.64
C SER D 254 6.94 -2.97 25.39
N GLY D 255 7.33 -1.77 24.95
CA GLY D 255 8.19 -0.91 25.76
C GLY D 255 9.44 -0.32 25.14
N ALA D 256 9.92 -0.93 24.06
CA ALA D 256 11.20 -0.55 23.43
C ALA D 256 11.29 0.93 23.08
N PHE D 257 10.17 1.49 22.62
CA PHE D 257 10.12 2.89 22.23
C PHE D 257 10.38 3.80 23.43
N THR D 258 9.69 3.54 24.54
CA THR D 258 9.93 4.28 25.78
C THR D 258 11.36 4.06 26.28
N TRP D 259 11.80 2.80 26.27
CA TRP D 259 13.15 2.45 26.70
C TRP D 259 14.24 3.26 25.95
N MET D 260 14.13 3.29 24.62
CA MET D 260 15.11 3.99 23.78
C MET D 260 15.14 5.49 24.05
N HIS D 261 13.98 6.12 24.06
CA HIS D 261 13.90 7.57 24.30
C HIS D 261 14.32 7.98 25.71
N ALA D 262 13.96 7.18 26.71
CA ALA D 262 14.42 7.42 28.07
C ALA D 262 15.95 7.36 28.12
N ALA D 263 16.54 6.43 27.37
CA ALA D 263 17.99 6.26 27.30
C ALA D 263 18.69 7.42 26.60
N MET D 264 17.97 8.09 25.70
CA MET D 264 18.48 9.26 24.99
C MET D 264 18.10 10.53 25.72
N GLN D 265 17.15 10.40 26.65
CA GLN D 265 16.68 11.51 27.48
C GLN D 265 15.65 12.38 26.76
N TYR D 266 14.73 11.71 26.06
CA TYR D 266 13.57 12.36 25.45
C TYR D 266 13.91 13.60 24.61
N PRO D 267 14.95 13.49 23.74
CA PRO D 267 15.44 14.65 22.99
C PRO D 267 14.38 15.26 22.07
N GLU D 268 14.27 16.59 22.10
CA GLU D 268 13.35 17.34 21.26
C GLU D 268 13.94 17.52 19.86
N LEU D 269 14.51 16.43 19.33
CA LEU D 269 15.16 16.43 18.03
C LEU D 269 14.26 15.81 16.98
N ALA D 270 14.14 16.48 15.84
CA ALA D 270 13.36 15.96 14.72
C ALA D 270 13.98 14.66 14.21
N ALA D 271 13.13 13.69 13.89
CA ALA D 271 13.59 12.39 13.41
C ALA D 271 13.51 12.26 11.90
N GLU D 272 14.27 11.33 11.35
CA GLU D 272 14.34 11.13 9.91
C GLU D 272 13.66 9.82 9.51
N LEU D 273 12.58 9.94 8.74
CA LEU D 273 11.81 8.78 8.31
C LEU D 273 12.41 8.17 7.04
N PHE D 274 12.82 6.92 7.15
CA PHE D 274 13.33 6.19 6.01
C PHE D 274 12.21 5.50 5.24
N GLY D 275 11.01 5.51 5.81
CA GLY D 275 9.85 4.98 5.13
C GLY D 275 8.83 4.33 6.05
N TYR D 276 7.57 4.50 5.68
CA TYR D 276 6.48 3.80 6.32
C TYR D 276 5.99 2.74 5.33
N GLY D 277 5.31 1.72 5.84
CA GLY D 277 4.76 0.65 5.01
C GLY D 277 4.05 -0.35 5.89
N THR D 278 3.16 -1.14 5.29
CA THR D 278 2.38 -2.11 6.04
C THR D 278 2.80 -3.54 5.77
N VAL D 279 2.76 -4.37 6.82
CA VAL D 279 2.98 -5.81 6.68
C VAL D 279 1.82 -6.53 7.35
N ILE D 280 1.12 -7.35 6.57
CA ILE D 280 -0.13 -8.00 7.02
C ILE D 280 -1.03 -6.98 7.72
N GLY D 281 -1.09 -5.78 7.16
CA GLY D 281 -1.97 -4.73 7.66
C GLY D 281 -1.41 -3.89 8.79
N THR D 282 -0.27 -4.28 9.32
CA THR D 282 0.34 -3.58 10.46
C THR D 282 1.09 -2.35 10.01
N GLY D 283 1.12 -1.32 10.86
CA GLY D 283 1.92 -0.12 10.61
C GLY D 283 3.38 -0.30 10.97
N ASN D 284 4.27 -0.07 9.99
CA ASN D 284 5.70 -0.21 10.20
C ASN D 284 6.50 1.01 9.72
N ALA D 285 7.22 1.64 10.64
CA ALA D 285 8.03 2.81 10.32
C ALA D 285 9.50 2.59 10.66
N VAL D 286 10.37 2.90 9.70
CA VAL D 286 11.81 2.84 9.92
C VAL D 286 12.34 4.26 10.09
N MET D 287 12.71 4.62 11.32
CA MET D 287 13.12 5.98 11.65
C MET D 287 14.46 6.02 12.39
N GLU D 288 15.04 7.21 12.52
CA GLU D 288 16.29 7.43 13.24
C GLU D 288 16.32 8.79 13.95
N TRP D 289 16.92 8.80 15.14
CA TRP D 289 17.21 10.02 15.87
C TRP D 289 18.73 10.15 15.94
N ASP D 290 19.30 10.98 15.06
CA ASP D 290 20.75 11.17 15.00
C ASP D 290 21.20 12.10 16.11
N LEU D 291 21.73 11.50 17.18
CA LEU D 291 22.17 12.23 18.37
C LEU D 291 23.54 12.86 18.20
N ARG D 292 24.42 12.15 17.49
CA ARG D 292 25.76 12.62 17.19
C ARG D 292 25.70 13.92 16.40
N LYS D 293 24.92 13.92 15.32
CA LYS D 293 24.76 15.09 14.46
C LYS D 293 24.07 16.25 15.19
N ALA D 294 23.22 15.92 16.16
CA ALA D 294 22.56 16.93 16.99
C ALA D 294 23.43 17.31 18.19
N GLY D 295 24.52 16.57 18.38
CA GLY D 295 25.47 16.80 19.48
C GLY D 295 24.88 16.59 20.86
N LEU D 296 24.14 15.51 21.03
CA LEU D 296 23.61 15.13 22.35
C LEU D 296 24.05 13.72 22.71
N SER D 297 25.02 13.21 21.96
CA SER D 297 25.44 11.80 22.04
C SER D 297 26.51 11.51 23.10
N MET D 298 27.08 12.56 23.68
CA MET D 298 28.11 12.39 24.70
C MET D 298 27.49 12.30 26.08
N LEU D 299 27.92 11.29 26.84
CA LEU D 299 27.34 10.99 28.15
C LEU D 299 28.22 11.47 29.30
#